data_7R0U
#
_entry.id   7R0U
#
_cell.length_a   78.240
_cell.length_b   91.820
_cell.length_c   103.450
_cell.angle_alpha   90.000
_cell.angle_beta   90.000
_cell.angle_gamma   90.000
#
_symmetry.space_group_name_H-M   'P 21 21 21'
#
loop_
_entity.id
_entity.type
_entity.pdbx_description
1 polymer AGAP001425-PA
2 non-polymer 4-hydroxy-3-methoxybenzaldehyde
3 non-polymer "ADENOSINE-3'-5'-DIPHOSPHATE"
4 non-polymer GLYCEROL
5 water water
#
_entity_poly.entity_id   1
_entity_poly.type   'polypeptide(L)'
_entity_poly.pdbx_seq_one_letter_code
;MGHHHHHHHHHHSSGHIEGRHMPFPYSIDFVESKQNEQLLKDFHGERTGFVQVGEKRWFFPSRFKQYAESLYSFEARPDD
TWIVTYPRSGTTWSQEMVWLLCNELDFETAKSIPLTQRFPFLEFHLFVHDEVKAEFLKENEHDVESMKFIEQLSQPAGFM
LAEMKTPRFIKTHLPISLLPPSVFEQKAKIIYVARNPSDVAVSYYHLNRLYRTQGYVGDFETFYNYFEKDLTPWSPYWEH
IKEGWAERDRENVLFMYYEDMKRNLPDTIRKTAAFLGKSFSDDQIDTMCTHLDIRNFRHNKSVTCEELKAVGILNSGEQG
FVRNGQVRGNAEEMTDDIKRRLNEWTERNLNGTDIRFPDC
;
_entity_poly.pdbx_strand_id   A,B
#
loop_
_chem_comp.id
_chem_comp.type
_chem_comp.name
_chem_comp.formula
A3P RNA linking ADENOSINE-3'-5'-DIPHOSPHATE 'C10 H15 N5 O10 P2'
GOL non-polymer GLYCEROL 'C3 H8 O3'
V55 non-polymer 4-hydroxy-3-methoxybenzaldehyde 'C8 H8 O3'
#
# COMPACT_ATOMS: atom_id res chain seq x y z
N PRO A 23 38.12 3.67 -13.00
CA PRO A 23 37.56 3.06 -14.25
C PRO A 23 36.80 1.74 -13.97
N PHE A 24 35.46 1.74 -14.06
CA PHE A 24 34.63 0.54 -13.77
C PHE A 24 34.99 -0.56 -14.76
N PRO A 25 35.57 -1.69 -14.32
CA PRO A 25 36.24 -2.64 -15.21
C PRO A 25 35.42 -3.74 -15.92
N TYR A 26 34.13 -3.91 -15.59
CA TYR A 26 33.28 -5.00 -16.16
C TYR A 26 32.25 -4.42 -17.12
N SER A 27 31.85 -5.24 -18.09
CA SER A 27 30.88 -4.89 -19.15
C SER A 27 29.50 -4.68 -18.52
N ILE A 28 28.72 -3.75 -19.07
CA ILE A 28 27.31 -3.54 -18.66
C ILE A 28 26.48 -3.52 -19.94
N ASP A 29 25.59 -4.50 -20.08
CA ASP A 29 24.83 -4.81 -21.31
C ASP A 29 23.36 -4.91 -20.91
N PHE A 30 22.48 -4.20 -21.60
CA PHE A 30 21.03 -4.38 -21.39
C PHE A 30 20.69 -5.84 -21.72
N VAL A 31 19.72 -6.34 -20.97
CA VAL A 31 19.22 -7.73 -21.13
C VAL A 31 18.68 -7.86 -22.54
N GLU A 32 18.79 -9.05 -23.11
CA GLU A 32 18.31 -9.34 -24.48
C GLU A 32 16.89 -8.77 -24.61
N SER A 33 16.59 -8.07 -25.70
CA SER A 33 15.46 -7.09 -25.76
C SER A 33 14.10 -7.78 -25.44
N LYS A 34 13.83 -8.98 -26.00
CA LYS A 34 12.55 -9.72 -25.83
C LYS A 34 12.36 -10.08 -24.35
N GLN A 35 13.41 -10.52 -23.65
CA GLN A 35 13.35 -10.86 -22.20
C GLN A 35 13.26 -9.57 -21.35
N ASN A 36 13.91 -8.50 -21.79
CA ASN A 36 13.87 -7.19 -21.12
C ASN A 36 12.43 -6.66 -21.14
N GLU A 37 11.69 -6.85 -22.25
CA GLU A 37 10.28 -6.41 -22.44
C GLU A 37 9.38 -7.13 -21.43
N GLN A 38 9.54 -8.45 -21.30
CA GLN A 38 8.75 -9.29 -20.35
C GLN A 38 9.01 -8.85 -18.91
N LEU A 39 10.27 -8.60 -18.57
CA LEU A 39 10.72 -8.13 -17.24
C LEU A 39 10.05 -6.78 -16.92
N LEU A 40 10.07 -5.82 -17.84
CA LEU A 40 9.35 -4.50 -17.68
C LEU A 40 7.85 -4.71 -17.45
N LYS A 41 7.25 -5.77 -17.98
CA LYS A 41 5.78 -6.02 -17.84
C LYS A 41 5.46 -6.50 -16.42
N ASP A 42 6.36 -7.31 -15.84
CA ASP A 42 6.17 -7.93 -14.51
C ASP A 42 6.75 -7.01 -13.39
N PHE A 43 7.77 -6.21 -13.66
CA PHE A 43 8.47 -5.43 -12.60
C PHE A 43 8.33 -3.93 -12.91
N HIS A 44 7.33 -3.28 -12.34
CA HIS A 44 6.85 -1.91 -12.69
C HIS A 44 7.70 -0.85 -11.97
N GLY A 45 8.51 -1.23 -10.99
CA GLY A 45 9.50 -0.34 -10.36
C GLY A 45 10.63 0.02 -11.30
N GLU A 46 10.83 -0.69 -12.41
CA GLU A 46 11.83 -0.33 -13.44
C GLU A 46 11.12 0.04 -14.74
N ARG A 47 11.53 1.13 -15.41
CA ARG A 47 10.80 1.69 -16.58
C ARG A 47 11.76 2.08 -17.71
N THR A 48 13.04 1.69 -17.63
CA THR A 48 13.99 1.82 -18.76
C THR A 48 14.41 0.45 -19.27
N GLY A 49 14.75 -0.48 -18.37
CA GLY A 49 15.32 -1.81 -18.69
C GLY A 49 16.28 -2.33 -17.63
N PHE A 50 16.73 -3.57 -17.79
CA PHE A 50 17.61 -4.31 -16.85
C PHE A 50 18.94 -4.57 -17.53
N VAL A 51 20.00 -4.70 -16.71
CA VAL A 51 21.40 -4.85 -17.22
C VAL A 51 22.02 -6.12 -16.62
N GLN A 52 22.98 -6.70 -17.32
CA GLN A 52 23.77 -7.85 -16.82
C GLN A 52 25.23 -7.38 -16.84
N VAL A 53 26.00 -7.66 -15.80
CA VAL A 53 27.31 -7.02 -15.50
C VAL A 53 28.36 -8.12 -15.49
N GLY A 54 29.39 -7.98 -16.33
CA GLY A 54 30.54 -8.91 -16.41
C GLY A 54 30.16 -10.27 -16.97
N GLU A 55 31.12 -11.20 -16.95
CA GLU A 55 31.02 -12.61 -17.38
C GLU A 55 29.93 -13.36 -16.56
N LYS A 56 29.79 -13.07 -15.26
CA LYS A 56 28.77 -13.72 -14.38
C LYS A 56 27.36 -13.19 -14.61
N ARG A 57 27.17 -12.10 -15.35
CA ARG A 57 25.82 -11.58 -15.78
C ARG A 57 25.03 -11.10 -14.55
N TRP A 58 25.71 -10.43 -13.60
CA TRP A 58 25.08 -9.86 -12.37
C TRP A 58 23.98 -8.92 -12.83
N PHE A 59 22.75 -9.14 -12.34
CA PHE A 59 21.49 -8.54 -12.85
C PHE A 59 21.11 -7.33 -11.98
N PHE A 60 20.78 -6.20 -12.62
CA PHE A 60 20.42 -4.92 -11.94
C PHE A 60 19.48 -4.09 -12.80
N PRO A 61 18.73 -3.13 -12.21
CA PRO A 61 18.07 -2.09 -12.99
C PRO A 61 19.01 -1.10 -13.69
N SER A 62 18.45 -0.30 -14.59
CA SER A 62 19.16 0.59 -15.54
C SER A 62 20.09 1.52 -14.78
N ARG A 63 19.74 1.98 -13.58
CA ARG A 63 20.56 2.98 -12.86
C ARG A 63 21.89 2.37 -12.43
N PHE A 64 22.07 1.06 -12.47
CA PHE A 64 23.42 0.50 -12.20
C PHE A 64 24.40 1.04 -13.26
N LYS A 65 23.99 1.08 -14.53
CA LYS A 65 24.85 1.58 -15.62
C LYS A 65 25.32 2.98 -15.22
N GLN A 66 24.44 3.75 -14.59
CA GLN A 66 24.67 5.18 -14.33
C GLN A 66 25.55 5.40 -13.09
N TYR A 67 25.54 4.49 -12.11
CA TYR A 67 26.21 4.73 -10.80
C TYR A 67 27.36 3.74 -10.60
N ALA A 68 27.59 2.83 -11.55
CA ALA A 68 28.63 1.79 -11.47
C ALA A 68 29.94 2.40 -10.98
N GLU A 69 30.40 3.51 -11.58
CA GLU A 69 31.73 4.12 -11.32
C GLU A 69 31.77 4.64 -9.88
N SER A 70 30.74 5.36 -9.47
CA SER A 70 30.57 5.86 -8.09
C SER A 70 30.70 4.71 -7.10
N LEU A 71 29.98 3.61 -7.31
CA LEU A 71 29.94 2.50 -6.34
C LEU A 71 31.33 1.89 -6.26
N TYR A 72 31.96 1.64 -7.41
CA TYR A 72 33.23 0.88 -7.48
C TYR A 72 34.34 1.66 -6.80
N SER A 73 34.31 2.98 -6.90
CA SER A 73 35.42 3.85 -6.40
C SER A 73 35.08 4.38 -5.01
N PHE A 74 33.92 4.03 -4.43
CA PHE A 74 33.55 4.35 -3.03
C PHE A 74 34.69 3.98 -2.08
N GLU A 75 35.12 4.93 -1.23
CA GLU A 75 36.35 4.79 -0.39
C GLU A 75 35.97 4.12 0.93
N ALA A 76 36.32 2.84 1.10
CA ALA A 76 36.19 2.13 2.39
C ALA A 76 37.28 2.63 3.33
N ARG A 77 37.07 2.41 4.63
CA ARG A 77 38.00 2.80 5.72
C ARG A 77 38.31 1.53 6.50
N PRO A 78 39.48 1.44 7.18
CA PRO A 78 39.87 0.23 7.90
C PRO A 78 38.91 -0.16 9.04
N ASP A 79 38.17 0.79 9.62
CA ASP A 79 37.29 0.52 10.79
C ASP A 79 35.81 0.49 10.37
N ASP A 80 35.53 0.35 9.09
CA ASP A 80 34.18 0.08 8.56
C ASP A 80 33.76 -1.32 9.03
N THR A 81 32.48 -1.53 9.32
CA THR A 81 31.90 -2.89 9.41
C THR A 81 30.88 -3.03 8.28
N TRP A 82 31.06 -4.03 7.43
CA TRP A 82 30.23 -4.28 6.21
C TRP A 82 29.43 -5.55 6.43
N ILE A 83 28.14 -5.52 6.17
CA ILE A 83 27.33 -6.76 6.03
C ILE A 83 27.05 -6.95 4.55
N VAL A 84 27.59 -8.03 3.99
CA VAL A 84 27.33 -8.41 2.56
C VAL A 84 26.46 -9.64 2.61
N THR A 85 25.30 -9.61 1.95
CA THR A 85 24.38 -10.77 1.79
C THR A 85 23.68 -10.76 0.45
N TYR A 86 23.24 -11.92 -0.03
CA TYR A 86 22.15 -11.98 -1.03
C TYR A 86 20.94 -11.39 -0.31
N PRO A 87 19.98 -10.71 -0.98
CA PRO A 87 18.78 -10.25 -0.30
C PRO A 87 17.93 -11.33 0.42
N ARG A 88 17.29 -10.93 1.51
CA ARG A 88 16.36 -11.71 2.37
C ARG A 88 17.05 -12.91 2.98
N SER A 89 18.31 -12.75 3.32
CA SER A 89 19.20 -13.79 3.88
C SER A 89 19.54 -13.44 5.33
N GLY A 90 18.89 -12.45 5.93
CA GLY A 90 19.06 -12.17 7.37
C GLY A 90 19.90 -10.91 7.65
N THR A 91 19.85 -9.93 6.76
CA THR A 91 20.65 -8.66 6.84
C THR A 91 20.17 -7.80 8.01
N THR A 92 18.86 -7.55 8.11
CA THR A 92 18.30 -6.59 9.10
C THR A 92 18.59 -7.10 10.52
N TRP A 93 18.27 -8.37 10.79
CA TRP A 93 18.65 -9.08 12.02
C TRP A 93 20.13 -8.85 12.32
N SER A 94 21.00 -9.23 11.39
CA SER A 94 22.48 -9.11 11.57
C SER A 94 22.88 -7.63 11.83
N GLN A 95 22.29 -6.67 11.12
CA GLN A 95 22.66 -5.25 11.23
C GLN A 95 22.45 -4.82 12.68
N GLU A 96 21.31 -5.18 13.26
CA GLU A 96 20.93 -4.72 14.62
C GLU A 96 21.90 -5.38 15.61
N MET A 97 22.18 -6.67 15.41
CA MET A 97 23.12 -7.41 16.29
C MET A 97 24.46 -6.66 16.30
N VAL A 98 25.01 -6.44 15.10
CA VAL A 98 26.39 -5.91 14.89
C VAL A 98 26.45 -4.47 15.42
N TRP A 99 25.46 -3.64 15.09
CA TRP A 99 25.43 -2.21 15.49
C TRP A 99 25.54 -2.13 17.01
N LEU A 100 24.74 -2.92 17.72
CA LEU A 100 24.74 -2.94 19.20
C LEU A 100 26.09 -3.43 19.74
N LEU A 101 26.62 -4.54 19.22
CA LEU A 101 27.95 -5.08 19.62
C LEU A 101 29.06 -4.01 19.47
N CYS A 102 28.96 -3.09 18.50
CA CYS A 102 30.03 -2.10 18.21
C CYS A 102 29.72 -0.73 18.82
N ASN A 103 28.67 -0.62 19.62
CA ASN A 103 28.25 0.64 20.30
C ASN A 103 27.81 0.30 21.72
N GLU A 104 28.60 -0.49 22.45
CA GLU A 104 28.41 -0.72 23.90
C GLU A 104 26.92 -1.00 24.21
N LEU A 105 26.27 -1.85 23.42
CA LEU A 105 24.89 -2.32 23.68
C LEU A 105 23.96 -1.13 23.95
N ASP A 106 24.15 -0.03 23.23
CA ASP A 106 23.37 1.22 23.48
C ASP A 106 21.99 1.08 22.83
N PHE A 107 21.09 0.36 23.53
CA PHE A 107 19.69 0.09 23.13
C PHE A 107 18.89 1.38 22.95
N GLU A 108 19.13 2.40 23.78
CA GLU A 108 18.41 3.70 23.74
C GLU A 108 18.59 4.35 22.37
N THR A 109 19.83 4.60 21.98
CA THR A 109 20.21 5.17 20.66
C THR A 109 19.72 4.25 19.54
N ALA A 110 19.81 2.92 19.70
CA ALA A 110 19.34 1.95 18.68
C ALA A 110 17.84 2.17 18.46
N LYS A 111 17.08 2.43 19.52
CA LYS A 111 15.62 2.66 19.43
C LYS A 111 15.33 3.99 18.69
N SER A 112 16.03 5.08 18.99
CA SER A 112 15.65 6.45 18.55
C SER A 112 16.25 6.84 17.20
N ILE A 113 17.31 6.18 16.71
CA ILE A 113 17.82 6.36 15.31
C ILE A 113 17.39 5.16 14.46
N PRO A 114 16.64 5.37 13.35
CA PRO A 114 16.34 4.28 12.41
C PRO A 114 17.58 3.46 11.99
N LEU A 115 17.39 2.16 11.76
CA LEU A 115 18.47 1.21 11.34
C LEU A 115 19.06 1.67 10.01
N THR A 116 18.23 2.13 9.07
CA THR A 116 18.65 2.65 7.74
C THR A 116 19.50 3.93 7.86
N GLN A 117 19.42 4.66 8.96
CA GLN A 117 20.32 5.81 9.24
C GLN A 117 21.58 5.28 9.94
N ARG A 118 21.46 4.40 10.94
CA ARG A 118 22.62 3.84 11.66
C ARG A 118 23.46 2.91 10.79
N PHE A 119 22.85 2.27 9.77
CA PHE A 119 23.45 1.18 8.96
C PHE A 119 23.08 1.34 7.49
N PRO A 120 23.52 2.44 6.83
CA PRO A 120 23.02 2.79 5.51
C PRO A 120 23.26 1.75 4.44
N PHE A 121 22.27 1.61 3.56
CA PHE A 121 22.25 0.69 2.40
C PHE A 121 22.95 1.38 1.22
N LEU A 122 24.18 0.96 0.95
CA LEU A 122 25.08 1.55 -0.07
C LEU A 122 24.32 1.79 -1.38
N GLU A 123 23.65 0.77 -1.95
CA GLU A 123 23.18 0.87 -3.37
C GLU A 123 21.67 1.06 -3.45
N PHE A 124 20.97 1.41 -2.36
CA PHE A 124 19.49 1.45 -2.37
C PHE A 124 19.04 2.32 -3.55
N HIS A 125 19.72 3.46 -3.73
CA HIS A 125 19.38 4.47 -4.78
C HIS A 125 19.29 3.86 -6.21
N LEU A 126 19.80 2.65 -6.47
CA LEU A 126 19.75 2.08 -7.84
C LEU A 126 18.30 1.75 -8.20
N PHE A 127 17.49 1.46 -7.19
CA PHE A 127 16.12 0.90 -7.36
C PHE A 127 15.05 1.97 -7.25
N VAL A 128 15.43 3.24 -7.32
CA VAL A 128 14.55 4.44 -7.28
C VAL A 128 14.57 5.10 -8.66
N HIS A 129 13.76 4.60 -9.57
CA HIS A 129 13.69 5.11 -10.95
C HIS A 129 13.02 6.50 -10.93
N ASP A 130 13.46 7.38 -11.81
CA ASP A 130 12.89 8.73 -12.03
C ASP A 130 11.35 8.69 -12.19
N GLU A 131 10.83 7.89 -13.13
CA GLU A 131 9.37 7.80 -13.43
C GLU A 131 8.61 7.38 -12.16
N VAL A 132 9.19 6.47 -11.37
CA VAL A 132 8.58 5.92 -10.11
C VAL A 132 8.74 6.94 -8.98
N LYS A 133 9.81 7.73 -8.98
CA LYS A 133 9.98 8.78 -7.95
C LYS A 133 8.97 9.92 -8.17
N ALA A 134 8.57 10.16 -9.42
CA ALA A 134 7.51 11.14 -9.77
C ALA A 134 6.17 10.72 -9.13
N GLU A 135 5.91 9.42 -9.02
CA GLU A 135 4.66 8.89 -8.43
C GLU A 135 4.73 9.05 -6.91
N PHE A 136 5.89 8.83 -6.29
CA PHE A 136 6.02 9.00 -4.82
C PHE A 136 5.83 10.49 -4.50
N LEU A 137 6.46 11.37 -5.27
CA LEU A 137 6.44 12.83 -5.01
C LEU A 137 5.02 13.37 -5.17
N LYS A 138 4.25 12.85 -6.11
CA LYS A 138 2.86 13.28 -6.36
C LYS A 138 2.02 12.96 -5.12
N GLU A 139 2.24 11.79 -4.51
CA GLU A 139 1.46 11.25 -3.38
C GLU A 139 1.89 11.92 -2.06
N ASN A 140 2.99 12.66 -2.06
CA ASN A 140 3.54 13.31 -0.86
C ASN A 140 3.68 14.82 -1.12
N GLU A 141 3.01 15.34 -2.15
CA GLU A 141 3.32 16.65 -2.78
C GLU A 141 2.90 17.81 -1.87
N HIS A 142 2.35 17.54 -0.69
CA HIS A 142 1.91 18.59 0.27
C HIS A 142 2.85 18.67 1.48
N ASP A 143 3.82 17.76 1.60
CA ASP A 143 4.72 17.65 2.78
C ASP A 143 6.15 17.77 2.29
N VAL A 144 6.70 19.00 2.37
CA VAL A 144 8.06 19.39 1.90
C VAL A 144 9.10 18.42 2.48
N GLU A 145 8.97 18.03 3.73
CA GLU A 145 9.95 17.17 4.44
C GLU A 145 9.88 15.77 3.80
N SER A 146 8.67 15.22 3.65
CA SER A 146 8.37 13.94 2.97
C SER A 146 8.99 13.91 1.57
N MET A 147 9.00 15.05 0.86
CA MET A 147 9.58 15.14 -0.52
C MET A 147 11.11 15.20 -0.46
N LYS A 148 11.69 15.91 0.51
CA LYS A 148 13.16 16.00 0.75
C LYS A 148 13.69 14.60 1.06
N PHE A 149 12.96 13.85 1.88
CA PHE A 149 13.29 12.44 2.22
C PHE A 149 13.31 11.57 0.95
N ILE A 150 12.28 11.68 0.10
CA ILE A 150 12.11 10.83 -1.12
C ILE A 150 13.25 11.11 -2.12
N GLU A 151 13.69 12.37 -2.26
CA GLU A 151 14.75 12.76 -3.23
C GLU A 151 16.09 12.24 -2.69
N GLN A 152 16.27 12.24 -1.37
CA GLN A 152 17.45 11.72 -0.63
C GLN A 152 17.63 10.20 -0.90
N LEU A 153 16.55 9.44 -0.86
CA LEU A 153 16.53 8.00 -1.24
C LEU A 153 17.14 7.79 -2.64
N SER A 154 16.97 8.76 -3.55
CA SER A 154 17.45 8.73 -4.96
C SER A 154 18.95 8.99 -5.04
N GLN A 155 19.54 9.50 -3.98
CA GLN A 155 20.97 9.92 -3.99
C GLN A 155 21.78 8.82 -3.33
N PRO A 156 23.02 8.58 -3.78
CA PRO A 156 23.88 7.62 -3.10
C PRO A 156 24.08 7.96 -1.60
N ALA A 157 23.88 6.96 -0.75
CA ALA A 157 24.27 6.98 0.67
C ALA A 157 25.77 7.34 0.82
N GLY A 158 26.55 7.13 -0.22
CA GLY A 158 28.02 7.22 -0.15
C GLY A 158 28.50 8.60 0.26
N PHE A 159 27.76 9.65 -0.12
CA PHE A 159 28.02 11.08 0.23
C PHE A 159 27.98 11.25 1.75
N MET A 160 26.81 11.08 2.39
CA MET A 160 26.62 11.23 3.85
C MET A 160 27.63 10.36 4.59
N LEU A 161 27.92 9.17 4.08
CA LEU A 161 28.90 8.20 4.67
C LEU A 161 30.33 8.76 4.60
N ALA A 162 30.73 9.35 3.49
CA ALA A 162 32.06 10.00 3.32
C ALA A 162 32.19 11.18 4.32
N GLU A 163 31.10 11.88 4.62
CA GLU A 163 31.09 13.01 5.59
C GLU A 163 31.34 12.49 7.00
N MET A 164 30.94 11.25 7.30
CA MET A 164 30.94 10.73 8.70
C MET A 164 32.37 10.74 9.22
N LYS A 165 32.52 11.05 10.51
CA LYS A 165 33.84 11.09 11.19
C LYS A 165 33.80 10.11 12.37
N THR A 166 32.92 9.10 12.31
CA THR A 166 32.81 8.01 13.31
C THR A 166 32.86 6.67 12.58
N PRO A 167 33.16 5.55 13.27
CA PRO A 167 33.15 4.25 12.62
C PRO A 167 31.81 4.04 11.89
N ARG A 168 31.88 3.47 10.68
CA ARG A 168 30.69 3.35 9.81
C ARG A 168 30.21 1.90 9.75
N PHE A 169 28.90 1.76 9.52
CA PHE A 169 28.18 0.47 9.36
C PHE A 169 27.54 0.47 7.97
N ILE A 170 27.92 -0.46 7.07
CA ILE A 170 27.44 -0.37 5.65
C ILE A 170 26.79 -1.70 5.21
N LYS A 171 25.54 -1.61 4.78
CA LYS A 171 24.76 -2.75 4.22
C LYS A 171 24.97 -2.76 2.70
N THR A 172 25.25 -3.92 2.13
CA THR A 172 25.22 -4.12 0.67
C THR A 172 24.78 -5.54 0.35
N HIS A 173 24.19 -5.68 -0.80
CA HIS A 173 23.94 -7.00 -1.44
C HIS A 173 24.89 -7.15 -2.63
N LEU A 174 25.79 -6.18 -2.85
CA LEU A 174 26.82 -6.29 -3.93
C LEU A 174 27.62 -7.55 -3.64
N PRO A 175 27.78 -8.48 -4.62
CA PRO A 175 28.65 -9.64 -4.44
C PRO A 175 30.13 -9.24 -4.22
N ILE A 176 30.91 -10.13 -3.63
CA ILE A 176 32.34 -9.87 -3.33
C ILE A 176 33.00 -9.18 -4.55
N SER A 177 32.82 -9.74 -5.74
CA SER A 177 33.54 -9.34 -6.97
C SER A 177 33.05 -7.99 -7.43
N LEU A 178 31.89 -7.50 -6.95
CA LEU A 178 31.41 -6.14 -7.30
C LEU A 178 31.57 -5.17 -6.11
N LEU A 179 32.26 -5.55 -5.04
CA LEU A 179 32.50 -4.64 -3.89
C LEU A 179 33.46 -3.53 -4.33
N PRO A 180 33.37 -2.32 -3.76
CA PRO A 180 34.45 -1.34 -3.91
C PRO A 180 35.74 -2.04 -3.49
N PRO A 181 36.80 -2.08 -4.34
CA PRO A 181 38.05 -2.75 -3.96
C PRO A 181 38.72 -2.22 -2.68
N SER A 182 38.43 -0.97 -2.26
CA SER A 182 38.97 -0.35 -1.01
C SER A 182 38.56 -1.20 0.19
N VAL A 183 37.42 -1.88 0.12
CA VAL A 183 36.96 -2.80 1.21
C VAL A 183 38.08 -3.79 1.57
N PHE A 184 38.61 -4.55 0.63
CA PHE A 184 39.67 -5.54 0.92
C PHE A 184 41.02 -4.84 1.08
N GLU A 185 41.30 -3.84 0.24
CA GLU A 185 42.51 -2.97 0.34
C GLU A 185 42.67 -2.49 1.78
N GLN A 186 41.58 -2.06 2.41
CA GLN A 186 41.58 -1.45 3.75
C GLN A 186 41.39 -2.55 4.81
N LYS A 187 41.07 -3.78 4.39
CA LYS A 187 40.97 -4.97 5.28
C LYS A 187 39.85 -4.73 6.31
N ALA A 188 38.85 -3.95 5.92
CA ALA A 188 37.60 -3.66 6.66
C ALA A 188 36.84 -4.97 6.93
N LYS A 189 36.09 -5.02 8.02
CA LYS A 189 35.45 -6.28 8.47
C LYS A 189 34.14 -6.47 7.69
N ILE A 190 33.93 -7.69 7.22
CA ILE A 190 32.80 -8.14 6.38
C ILE A 190 32.12 -9.32 7.06
N ILE A 191 30.82 -9.20 7.31
CA ILE A 191 29.97 -10.32 7.77
C ILE A 191 29.14 -10.77 6.55
N TYR A 192 29.42 -11.93 5.99
CA TYR A 192 28.66 -12.51 4.87
C TYR A 192 27.69 -13.54 5.44
N VAL A 193 26.38 -13.35 5.24
CA VAL A 193 25.29 -14.23 5.73
C VAL A 193 24.64 -14.89 4.51
N ALA A 194 24.47 -16.20 4.57
CA ALA A 194 23.88 -17.01 3.49
C ALA A 194 22.67 -17.75 4.05
N ARG A 195 21.58 -17.73 3.27
CA ARG A 195 20.34 -18.44 3.63
C ARG A 195 19.95 -19.35 2.46
N ASN A 196 19.15 -20.38 2.72
CA ASN A 196 18.90 -21.46 1.74
C ASN A 196 17.98 -20.92 0.66
N PRO A 197 18.10 -21.45 -0.59
CA PRO A 197 17.38 -20.93 -1.74
C PRO A 197 15.85 -20.96 -1.59
N SER A 198 15.35 -22.00 -0.94
CA SER A 198 13.89 -22.15 -0.77
C SER A 198 13.36 -20.98 0.05
N ASP A 199 13.87 -20.80 1.26
CA ASP A 199 13.52 -19.63 2.12
C ASP A 199 13.79 -18.31 1.38
N VAL A 200 14.93 -18.14 0.73
CA VAL A 200 15.26 -16.86 0.04
C VAL A 200 14.24 -16.58 -1.09
N ALA A 201 13.82 -17.58 -1.86
CA ALA A 201 12.91 -17.42 -3.02
C ALA A 201 11.58 -16.83 -2.54
N VAL A 202 10.98 -17.48 -1.56
CA VAL A 202 9.67 -17.08 -0.97
C VAL A 202 9.81 -15.69 -0.32
N SER A 203 10.83 -15.45 0.48
CA SER A 203 11.04 -14.14 1.13
C SER A 203 11.26 -13.05 0.06
N TYR A 204 12.03 -13.35 -0.98
CA TYR A 204 12.44 -12.36 -2.01
C TYR A 204 11.19 -11.94 -2.78
N TYR A 205 10.33 -12.90 -3.11
CA TYR A 205 9.03 -12.70 -3.79
C TYR A 205 8.18 -11.71 -2.98
N HIS A 206 7.97 -12.00 -1.71
CA HIS A 206 7.25 -11.10 -0.78
C HIS A 206 7.90 -9.71 -0.82
N LEU A 207 9.22 -9.61 -0.77
CA LEU A 207 9.88 -8.29 -0.80
C LEU A 207 9.51 -7.56 -2.09
N ASN A 208 9.51 -8.25 -3.23
CA ASN A 208 9.28 -7.64 -4.58
C ASN A 208 7.84 -7.11 -4.71
N ARG A 209 6.89 -7.72 -3.99
CA ARG A 209 5.46 -7.30 -3.94
C ARG A 209 5.28 -6.19 -2.89
N LEU A 210 6.06 -6.22 -1.83
CA LEU A 210 5.96 -5.25 -0.74
C LEU A 210 6.47 -3.90 -1.21
N TYR A 211 7.61 -3.86 -1.91
CA TYR A 211 8.38 -2.63 -2.24
C TYR A 211 7.98 -2.14 -3.63
N ARG A 212 7.42 -0.94 -3.69
CA ARG A 212 7.02 -0.28 -4.97
C ARG A 212 8.24 0.07 -5.81
N THR A 213 9.44 0.17 -5.20
CA THR A 213 10.75 0.32 -5.90
C THR A 213 11.04 -0.91 -6.78
N GLN A 214 10.37 -2.03 -6.52
CA GLN A 214 10.50 -3.28 -7.32
C GLN A 214 9.27 -3.42 -8.23
N GLY A 215 8.06 -3.32 -7.65
CA GLY A 215 6.77 -3.20 -8.37
C GLY A 215 6.31 -4.52 -9.00
N TYR A 216 6.73 -5.67 -8.46
CA TYR A 216 6.41 -7.00 -9.03
C TYR A 216 4.92 -7.25 -8.82
N VAL A 217 4.21 -7.71 -9.84
CA VAL A 217 2.74 -7.90 -9.86
C VAL A 217 2.38 -9.38 -9.92
N GLY A 218 3.17 -10.21 -10.61
CA GLY A 218 2.84 -11.63 -10.87
C GLY A 218 2.82 -12.45 -9.58
N ASP A 219 2.72 -13.78 -9.72
CA ASP A 219 2.65 -14.73 -8.58
C ASP A 219 4.02 -15.39 -8.31
N PHE A 220 4.10 -16.24 -7.29
CA PHE A 220 5.34 -16.93 -6.88
C PHE A 220 5.89 -17.82 -8.00
N GLU A 221 5.07 -18.51 -8.79
CA GLU A 221 5.60 -19.47 -9.80
C GLU A 221 6.43 -18.68 -10.82
N THR A 222 5.85 -17.60 -11.36
CA THR A 222 6.53 -16.69 -12.31
C THR A 222 7.82 -16.15 -11.70
N PHE A 223 7.78 -15.76 -10.43
CA PHE A 223 8.91 -15.06 -9.77
C PHE A 223 10.03 -16.06 -9.54
N TYR A 224 9.70 -17.27 -9.09
CA TYR A 224 10.69 -18.35 -8.99
C TYR A 224 11.36 -18.59 -10.36
N ASN A 225 10.62 -18.54 -11.47
CA ASN A 225 11.20 -18.78 -12.82
C ASN A 225 12.24 -17.71 -13.15
N TYR A 226 11.98 -16.48 -12.75
CA TYR A 226 12.94 -15.35 -12.89
C TYR A 226 14.16 -15.59 -11.97
N PHE A 227 13.91 -15.94 -10.69
CA PHE A 227 14.97 -16.31 -9.71
C PHE A 227 15.86 -17.40 -10.29
N GLU A 228 15.28 -18.48 -10.82
CA GLU A 228 16.03 -19.66 -11.35
C GLU A 228 16.89 -19.26 -12.56
N LYS A 229 16.50 -18.26 -13.33
CA LYS A 229 17.24 -17.80 -14.54
C LYS A 229 18.20 -16.66 -14.17
N ASP A 230 18.34 -16.37 -12.88
CA ASP A 230 19.24 -15.29 -12.38
C ASP A 230 18.72 -13.95 -12.95
N LEU A 231 17.40 -13.78 -13.11
CA LEU A 231 16.80 -12.56 -13.70
C LEU A 231 16.08 -11.77 -12.58
N THR A 232 16.65 -11.78 -11.37
CA THR A 232 16.28 -10.93 -10.24
C THR A 232 17.52 -10.17 -9.76
N PRO A 233 17.35 -8.95 -9.19
CA PRO A 233 18.46 -8.15 -8.72
C PRO A 233 19.43 -8.91 -7.80
N TRP A 234 20.71 -8.84 -8.16
CA TRP A 234 21.87 -9.32 -7.39
C TRP A 234 22.13 -10.80 -7.66
N SER A 235 21.26 -11.49 -8.39
CA SER A 235 21.55 -12.82 -9.00
C SER A 235 22.71 -12.68 -9.97
N PRO A 236 23.51 -13.73 -10.25
CA PRO A 236 23.25 -15.11 -9.82
C PRO A 236 23.43 -15.46 -8.34
N TYR A 237 22.34 -15.90 -7.70
CA TYR A 237 22.31 -16.34 -6.29
C TYR A 237 23.52 -17.25 -6.01
N TRP A 238 23.68 -18.34 -6.80
CA TRP A 238 24.68 -19.41 -6.49
C TRP A 238 26.09 -18.85 -6.59
N GLU A 239 26.34 -17.94 -7.51
CA GLU A 239 27.64 -17.23 -7.63
C GLU A 239 27.88 -16.30 -6.44
N HIS A 240 26.82 -15.68 -5.94
CA HIS A 240 26.89 -14.75 -4.77
C HIS A 240 27.38 -15.56 -3.58
N ILE A 241 26.75 -16.71 -3.36
CA ILE A 241 27.09 -17.61 -2.24
C ILE A 241 28.50 -18.16 -2.46
N LYS A 242 28.87 -18.55 -3.67
CA LYS A 242 30.22 -19.18 -3.85
C LYS A 242 31.30 -18.16 -3.52
N GLU A 243 31.22 -16.96 -4.08
CA GLU A 243 32.22 -15.89 -3.79
C GLU A 243 32.27 -15.64 -2.27
N GLY A 244 31.13 -15.64 -1.60
CA GLY A 244 31.08 -15.53 -0.12
C GLY A 244 32.00 -16.56 0.48
N TRP A 245 31.71 -17.82 0.17
CA TRP A 245 32.35 -19.02 0.76
C TRP A 245 33.85 -18.98 0.47
N ALA A 246 34.22 -18.57 -0.74
CA ALA A 246 35.62 -18.41 -1.21
C ALA A 246 36.41 -17.38 -0.38
N GLU A 247 35.76 -16.45 0.31
CA GLU A 247 36.51 -15.45 1.10
C GLU A 247 36.54 -15.79 2.59
N ARG A 248 35.89 -16.88 3.04
CA ARG A 248 35.52 -17.08 4.46
C ARG A 248 36.75 -17.34 5.34
N ASP A 249 37.89 -17.61 4.74
CA ASP A 249 39.18 -17.93 5.41
C ASP A 249 39.95 -16.64 5.70
N ARG A 250 39.64 -15.57 4.98
CA ARG A 250 40.28 -14.26 5.20
C ARG A 250 40.10 -13.86 6.67
N GLU A 251 41.04 -13.04 7.14
CA GLU A 251 41.15 -12.52 8.53
C GLU A 251 39.98 -11.58 8.81
N ASN A 252 39.56 -10.80 7.79
CA ASN A 252 38.53 -9.75 7.87
C ASN A 252 37.18 -10.25 7.34
N VAL A 253 36.99 -11.54 7.15
CA VAL A 253 35.64 -12.08 6.79
C VAL A 253 35.12 -13.03 7.87
N LEU A 254 33.82 -12.91 8.18
CA LEU A 254 33.02 -13.90 8.97
C LEU A 254 31.80 -14.37 8.16
N PHE A 255 31.79 -15.63 7.73
CA PHE A 255 30.67 -16.24 6.96
C PHE A 255 29.78 -17.01 7.93
N MET A 256 28.47 -16.85 7.86
CA MET A 256 27.51 -17.56 8.74
C MET A 256 26.25 -17.92 7.94
N TYR A 257 25.62 -19.02 8.29
CA TYR A 257 24.29 -19.38 7.77
C TYR A 257 23.25 -18.76 8.71
N TYR A 258 22.27 -18.05 8.14
CA TYR A 258 21.05 -17.59 8.82
C TYR A 258 20.54 -18.73 9.73
N GLU A 259 20.45 -19.95 9.17
CA GLU A 259 19.84 -21.14 9.83
C GLU A 259 20.54 -21.41 11.17
N ASP A 260 21.88 -21.44 11.22
CA ASP A 260 22.66 -21.59 12.49
C ASP A 260 22.40 -20.38 13.43
N MET A 261 22.27 -19.18 12.88
CA MET A 261 21.99 -17.95 13.69
C MET A 261 20.62 -18.04 14.37
N LYS A 262 19.64 -18.61 13.69
CA LYS A 262 18.28 -18.81 14.24
C LYS A 262 18.36 -19.82 15.38
N ARG A 263 19.09 -20.94 15.18
CA ARG A 263 19.22 -22.12 16.10
C ARG A 263 19.97 -21.76 17.40
N ASN A 264 21.07 -21.00 17.33
CA ASN A 264 21.94 -20.71 18.51
C ASN A 264 22.37 -19.23 18.52
N LEU A 265 21.45 -18.38 18.96
CA LEU A 265 21.67 -16.92 19.12
C LEU A 265 22.85 -16.67 20.05
N PRO A 266 22.86 -17.15 21.32
CA PRO A 266 24.00 -16.88 22.20
C PRO A 266 25.35 -17.16 21.52
N ASP A 267 25.42 -18.26 20.78
CA ASP A 267 26.66 -18.63 20.05
C ASP A 267 26.94 -17.62 18.94
N THR A 268 25.93 -17.27 18.15
CA THR A 268 26.03 -16.30 17.02
C THR A 268 26.56 -14.98 17.61
N ILE A 269 25.86 -14.43 18.58
CA ILE A 269 26.22 -13.11 19.18
C ILE A 269 27.67 -13.12 19.65
N ARG A 270 28.08 -14.17 20.37
CA ARG A 270 29.42 -14.24 21.00
C ARG A 270 30.51 -14.35 19.92
N LYS A 271 30.29 -15.26 18.94
CA LYS A 271 31.17 -15.46 17.76
C LYS A 271 31.32 -14.12 17.04
N THR A 272 30.20 -13.43 16.78
CA THR A 272 30.22 -12.14 16.06
C THR A 272 31.01 -11.12 16.91
N ALA A 273 30.74 -11.08 18.21
CA ALA A 273 31.43 -10.14 19.12
C ALA A 273 32.95 -10.42 19.11
N ALA A 274 33.36 -11.68 19.02
CA ALA A 274 34.79 -12.07 19.09
C ALA A 274 35.53 -11.61 17.82
N PHE A 275 34.88 -11.81 16.68
CA PHE A 275 35.30 -11.37 15.34
C PHE A 275 35.55 -9.86 15.31
N LEU A 276 34.70 -9.09 15.95
CA LEU A 276 34.79 -7.60 15.92
C LEU A 276 35.68 -7.07 17.06
N GLY A 277 36.31 -7.95 17.83
CA GLY A 277 37.16 -7.62 18.98
C GLY A 277 36.39 -6.93 20.09
N LYS A 278 35.26 -7.52 20.52
CA LYS A 278 34.44 -7.00 21.65
C LYS A 278 34.14 -8.14 22.62
N SER A 279 33.98 -7.77 23.91
CA SER A 279 33.80 -8.68 25.08
C SER A 279 32.52 -8.29 25.83
N PHE A 280 31.66 -9.28 26.12
CA PHE A 280 30.37 -9.06 26.83
C PHE A 280 30.07 -10.25 27.77
N SER A 281 29.49 -9.92 28.94
CA SER A 281 29.06 -10.87 30.01
C SER A 281 27.90 -11.74 29.52
N ASP A 282 27.75 -12.94 30.09
CA ASP A 282 26.58 -13.84 29.87
C ASP A 282 25.27 -13.03 29.96
N ASP A 283 25.19 -12.02 30.85
CA ASP A 283 23.97 -11.23 31.13
C ASP A 283 23.67 -10.25 29.99
N GLN A 284 24.70 -9.60 29.44
CA GLN A 284 24.55 -8.74 28.24
C GLN A 284 24.12 -9.60 27.03
N ILE A 285 24.70 -10.79 26.85
CA ILE A 285 24.31 -11.68 25.72
C ILE A 285 22.82 -12.02 25.85
N ASP A 286 22.38 -12.27 27.09
CA ASP A 286 20.99 -12.65 27.44
C ASP A 286 20.06 -11.52 27.01
N THR A 287 20.40 -10.28 27.36
CA THR A 287 19.65 -9.07 26.95
C THR A 287 19.52 -9.05 25.43
N MET A 288 20.62 -9.31 24.73
CA MET A 288 20.68 -9.28 23.24
C MET A 288 19.80 -10.38 22.65
N CYS A 289 19.62 -11.49 23.34
CA CYS A 289 18.81 -12.61 22.85
C CYS A 289 17.34 -12.20 22.86
N THR A 290 16.90 -11.56 23.94
CA THR A 290 15.52 -11.01 24.13
C THR A 290 15.25 -9.95 23.06
N HIS A 291 16.18 -9.01 22.88
CA HIS A 291 16.08 -7.87 21.93
C HIS A 291 15.94 -8.36 20.48
N LEU A 292 16.62 -9.46 20.14
CA LEU A 292 16.79 -9.99 18.76
C LEU A 292 15.83 -11.15 18.53
N ASP A 293 15.10 -11.61 19.54
CA ASP A 293 14.01 -12.58 19.33
C ASP A 293 12.95 -11.96 18.38
N ILE A 294 12.45 -12.74 17.43
CA ILE A 294 11.50 -12.22 16.38
C ILE A 294 10.25 -11.63 17.08
N ARG A 295 9.82 -12.26 18.17
CA ARG A 295 8.65 -11.80 18.96
C ARG A 295 8.81 -10.31 19.32
N ASN A 296 9.98 -9.85 19.78
CA ASN A 296 10.23 -8.42 20.20
C ASN A 296 10.61 -7.55 18.98
N PHE A 297 11.49 -8.08 18.13
CA PHE A 297 12.11 -7.43 16.94
C PHE A 297 11.05 -6.87 15.98
N ARG A 298 9.97 -7.64 15.68
CA ARG A 298 8.90 -7.21 14.75
C ARG A 298 8.04 -6.09 15.33
N HIS A 299 8.24 -5.68 16.58
CA HIS A 299 7.52 -4.53 17.19
C HIS A 299 8.52 -3.38 17.42
N ASN A 300 9.76 -3.56 16.96
CA ASN A 300 10.87 -2.59 17.16
C ASN A 300 10.76 -1.49 16.10
N LYS A 301 10.51 -0.27 16.55
CA LYS A 301 10.29 0.96 15.73
C LYS A 301 11.46 1.18 14.76
N SER A 302 12.70 1.03 15.23
CA SER A 302 13.93 1.45 14.50
C SER A 302 14.28 0.45 13.38
N VAL A 303 13.78 -0.78 13.41
CA VAL A 303 14.25 -1.83 12.45
C VAL A 303 13.15 -2.14 11.43
N THR A 304 11.91 -1.81 11.72
CA THR A 304 10.79 -1.86 10.74
C THR A 304 10.90 -0.57 9.93
N CYS A 305 10.43 -0.56 8.69
CA CYS A 305 10.77 0.52 7.72
C CYS A 305 9.71 1.64 7.83
N GLU A 306 9.55 2.23 9.03
CA GLU A 306 8.47 3.21 9.37
C GLU A 306 8.65 4.46 8.48
N GLU A 307 9.88 4.93 8.33
CA GLU A 307 10.22 6.11 7.49
C GLU A 307 9.74 5.83 6.06
N LEU A 308 9.97 4.62 5.53
CA LEU A 308 9.62 4.26 4.14
C LEU A 308 8.10 4.08 4.03
N LYS A 309 7.47 3.41 4.99
CA LYS A 309 6.01 3.16 4.93
C LYS A 309 5.28 4.51 5.06
N ALA A 310 5.84 5.50 5.76
CA ALA A 310 5.21 6.82 6.05
C ALA A 310 4.98 7.62 4.76
N VAL A 311 5.77 7.40 3.71
CA VAL A 311 5.62 8.13 2.42
C VAL A 311 5.03 7.22 1.32
N GLY A 312 4.61 6.00 1.66
CA GLY A 312 3.84 5.12 0.74
C GLY A 312 4.71 4.33 -0.22
N ILE A 313 6.00 4.15 0.09
CA ILE A 313 6.93 3.36 -0.77
C ILE A 313 6.64 1.85 -0.60
N LEU A 314 6.17 1.46 0.60
CA LEU A 314 5.71 0.08 0.93
C LEU A 314 4.22 -0.09 0.59
N ASN A 315 3.83 -1.19 -0.05
CA ASN A 315 2.41 -1.63 -0.16
C ASN A 315 2.02 -2.22 1.21
N SER A 316 1.16 -1.53 1.95
CA SER A 316 0.76 -1.86 3.34
C SER A 316 0.08 -3.24 3.38
N GLY A 317 -0.63 -3.62 2.31
CA GLY A 317 -1.37 -4.89 2.16
C GLY A 317 -0.50 -6.11 2.43
N GLU A 318 0.78 -6.07 2.05
CA GLU A 318 1.69 -7.25 2.01
C GLU A 318 2.37 -7.46 3.38
N GLN A 319 3.21 -8.50 3.48
CA GLN A 319 3.44 -9.27 4.75
C GLN A 319 4.36 -8.56 5.76
N GLY A 320 5.12 -7.53 5.39
CA GLY A 320 6.04 -6.82 6.31
C GLY A 320 7.50 -7.21 6.12
N PHE A 321 8.41 -6.23 6.14
CA PHE A 321 9.88 -6.36 5.95
C PHE A 321 10.48 -7.31 7.01
N VAL A 322 10.07 -7.16 8.27
CA VAL A 322 10.28 -8.17 9.35
C VAL A 322 9.00 -9.03 9.39
N ARG A 323 9.09 -10.28 8.91
CA ARG A 323 7.94 -11.15 8.53
C ARG A 323 7.79 -12.26 9.60
N ASN A 324 8.40 -13.44 9.39
CA ASN A 324 8.23 -14.67 10.22
C ASN A 324 9.56 -15.02 10.92
N GLY A 325 10.65 -15.12 10.16
CA GLY A 325 12.00 -15.47 10.63
C GLY A 325 12.14 -16.94 11.00
N GLN A 326 11.56 -17.83 10.21
CA GLN A 326 11.60 -19.30 10.46
C GLN A 326 12.60 -19.93 9.49
N VAL A 327 13.25 -21.01 9.92
CA VAL A 327 14.07 -21.94 9.07
C VAL A 327 13.14 -23.04 8.52
N ARG A 328 12.90 -23.03 7.20
CA ARG A 328 12.16 -24.05 6.39
C ARG A 328 10.70 -24.13 6.88
N GLY A 329 10.16 -23.00 7.36
CA GLY A 329 8.76 -22.87 7.80
C GLY A 329 7.76 -23.11 6.67
N ASN A 330 6.50 -23.35 7.04
CA ASN A 330 5.34 -23.60 6.14
C ASN A 330 5.27 -22.48 5.11
N ALA A 331 5.09 -22.84 3.83
CA ALA A 331 4.91 -21.92 2.68
C ALA A 331 3.82 -22.47 1.76
N GLU A 332 2.70 -21.75 1.66
CA GLU A 332 1.54 -22.06 0.77
C GLU A 332 1.97 -21.92 -0.70
N GLU A 333 2.80 -20.91 -0.98
CA GLU A 333 3.26 -20.53 -2.34
C GLU A 333 4.04 -21.69 -2.97
N MET A 334 4.84 -22.39 -2.17
CA MET A 334 5.74 -23.49 -2.61
C MET A 334 4.89 -24.70 -3.07
N THR A 335 5.32 -25.33 -4.16
CA THR A 335 4.68 -26.51 -4.80
C THR A 335 5.71 -27.63 -4.87
N ASP A 336 5.24 -28.86 -5.01
CA ASP A 336 6.08 -30.08 -5.22
C ASP A 336 6.99 -29.82 -6.43
N ASP A 337 6.45 -29.29 -7.53
CA ASP A 337 7.20 -29.15 -8.80
C ASP A 337 8.29 -28.08 -8.60
N ILE A 338 7.95 -26.95 -7.97
CA ILE A 338 8.97 -25.91 -7.62
C ILE A 338 9.98 -26.51 -6.64
N LYS A 339 9.55 -27.25 -5.60
CA LYS A 339 10.52 -27.86 -4.65
C LYS A 339 11.48 -28.77 -5.41
N ARG A 340 11.00 -29.55 -6.38
CA ARG A 340 11.88 -30.53 -7.11
C ARG A 340 12.86 -29.75 -7.98
N ARG A 341 12.42 -28.70 -8.65
CA ARG A 341 13.31 -27.84 -9.49
C ARG A 341 14.38 -27.16 -8.62
N LEU A 342 13.98 -26.67 -7.44
CA LEU A 342 14.89 -26.03 -6.44
C LEU A 342 15.95 -27.04 -5.99
N ASN A 343 15.56 -28.29 -5.76
CA ASN A 343 16.49 -29.37 -5.37
C ASN A 343 17.48 -29.63 -6.51
N GLU A 344 17.00 -29.69 -7.75
CA GLU A 344 17.84 -29.98 -8.96
C GLU A 344 18.80 -28.81 -9.19
N TRP A 345 18.24 -27.61 -9.27
CA TRP A 345 19.01 -26.34 -9.35
C TRP A 345 20.09 -26.28 -8.25
N THR A 346 19.79 -26.76 -7.03
CA THR A 346 20.77 -26.84 -5.91
C THR A 346 21.90 -27.81 -6.27
N GLU A 347 21.58 -29.02 -6.77
CA GLU A 347 22.56 -30.09 -7.17
C GLU A 347 23.44 -29.68 -8.35
N ARG A 348 22.92 -29.04 -9.41
CA ARG A 348 23.77 -28.60 -10.57
C ARG A 348 24.80 -27.58 -10.07
N ASN A 349 24.41 -26.70 -9.13
CA ASN A 349 25.27 -25.58 -8.68
C ASN A 349 26.24 -25.99 -7.56
N LEU A 350 25.86 -26.84 -6.60
CA LEU A 350 26.72 -27.15 -5.41
C LEU A 350 27.54 -28.43 -5.59
N ASN A 351 27.35 -29.17 -6.69
CA ASN A 351 28.12 -30.39 -7.03
C ASN A 351 29.61 -30.04 -7.03
N GLY A 352 30.43 -30.78 -6.26
CA GLY A 352 31.90 -30.64 -6.23
C GLY A 352 32.34 -29.36 -5.53
N THR A 353 31.52 -28.92 -4.58
CA THR A 353 31.82 -27.93 -3.52
C THR A 353 31.46 -28.58 -2.19
N ASP A 354 31.92 -27.98 -1.10
CA ASP A 354 31.62 -28.42 0.29
C ASP A 354 30.61 -27.46 0.92
N ILE A 355 29.66 -26.93 0.15
CA ILE A 355 28.61 -26.02 0.71
C ILE A 355 27.40 -26.87 1.07
N ARG A 356 26.98 -26.76 2.33
CA ARG A 356 25.90 -27.52 2.98
C ARG A 356 25.16 -26.53 3.89
N PHE A 357 23.89 -26.30 3.59
CA PHE A 357 22.97 -25.48 4.40
C PHE A 357 22.55 -26.30 5.63
N PRO A 358 22.56 -25.74 6.87
CA PRO A 358 22.20 -26.49 8.08
C PRO A 358 20.69 -26.52 8.39
N PRO B 23 -36.50 1.45 16.94
CA PRO B 23 -36.65 0.00 16.58
C PRO B 23 -36.35 -0.28 15.09
N PHE B 24 -35.20 -0.90 14.77
CA PHE B 24 -34.76 -1.09 13.35
C PHE B 24 -35.74 -2.06 12.68
N PRO B 25 -36.51 -1.61 11.66
CA PRO B 25 -37.67 -2.37 11.19
C PRO B 25 -37.50 -3.45 10.11
N TYR B 26 -36.30 -3.61 9.54
CA TYR B 26 -36.03 -4.60 8.44
C TYR B 26 -35.19 -5.77 8.97
N SER B 27 -35.37 -6.93 8.35
CA SER B 27 -34.66 -8.20 8.64
C SER B 27 -33.18 -8.05 8.28
N ILE B 28 -32.31 -8.71 9.04
CA ILE B 28 -30.86 -8.75 8.76
C ILE B 28 -30.46 -10.22 8.86
N ASP B 29 -30.06 -10.79 7.72
CA ASP B 29 -29.78 -12.23 7.57
C ASP B 29 -28.38 -12.33 6.96
N PHE B 30 -27.52 -13.16 7.55
CA PHE B 30 -26.22 -13.48 6.94
C PHE B 30 -26.49 -14.15 5.60
N VAL B 31 -25.58 -13.86 4.67
CA VAL B 31 -25.64 -14.38 3.28
C VAL B 31 -25.58 -15.88 3.35
N GLU B 32 -26.24 -16.56 2.43
CA GLU B 32 -26.27 -18.05 2.36
C GLU B 32 -24.83 -18.55 2.49
N SER B 33 -24.61 -19.54 3.34
CA SER B 33 -23.28 -19.83 3.94
C SER B 33 -22.21 -20.12 2.86
N LYS B 34 -22.53 -20.90 1.83
CA LYS B 34 -21.60 -21.28 0.73
C LYS B 34 -21.13 -20.01 -0.02
N GLN B 35 -22.04 -19.07 -0.32
CA GLN B 35 -21.72 -17.79 -1.02
C GLN B 35 -20.98 -16.84 -0.05
N ASN B 36 -21.32 -16.89 1.23
CA ASN B 36 -20.67 -16.08 2.29
C ASN B 36 -19.20 -16.47 2.40
N GLU B 37 -18.90 -17.77 2.27
CA GLU B 37 -17.54 -18.34 2.37
C GLU B 37 -16.68 -17.83 1.21
N GLN B 38 -17.23 -17.84 -0.01
CA GLN B 38 -16.54 -17.37 -1.24
C GLN B 38 -16.22 -15.88 -1.10
N LEU B 39 -17.19 -15.09 -0.61
CA LEU B 39 -17.05 -13.63 -0.37
C LEU B 39 -15.90 -13.38 0.61
N LEU B 40 -15.85 -14.08 1.74
CA LEU B 40 -14.73 -13.97 2.73
C LEU B 40 -13.38 -14.31 2.10
N LYS B 41 -13.33 -15.19 1.10
CA LYS B 41 -12.06 -15.59 0.43
C LYS B 41 -11.56 -14.45 -0.48
N ASP B 42 -12.46 -13.71 -1.13
CA ASP B 42 -12.11 -12.63 -2.09
C ASP B 42 -12.02 -11.26 -1.37
N PHE B 43 -12.75 -11.04 -0.28
CA PHE B 43 -12.86 -9.71 0.37
C PHE B 43 -12.31 -9.82 1.80
N HIS B 44 -11.02 -9.50 1.98
CA HIS B 44 -10.23 -9.77 3.21
C HIS B 44 -10.47 -8.70 4.26
N GLY B 45 -11.04 -7.54 3.89
CA GLY B 45 -11.45 -6.47 4.82
C GLY B 45 -12.61 -6.91 5.71
N GLU B 46 -13.34 -7.99 5.35
CA GLU B 46 -14.39 -8.57 6.21
C GLU B 46 -13.93 -9.93 6.73
N ARG B 47 -14.13 -10.24 8.01
CA ARG B 47 -13.62 -11.48 8.65
C ARG B 47 -14.67 -12.16 9.52
N THR B 48 -15.92 -11.74 9.47
CA THR B 48 -17.05 -12.47 10.11
C THR B 48 -18.03 -12.99 9.04
N GLY B 49 -18.40 -12.15 8.06
CA GLY B 49 -19.40 -12.44 7.02
C GLY B 49 -20.22 -11.24 6.60
N PHE B 50 -21.10 -11.44 5.61
CA PHE B 50 -21.89 -10.38 4.95
C PHE B 50 -23.36 -10.59 5.23
N VAL B 51 -24.14 -9.51 5.22
CA VAL B 51 -25.60 -9.54 5.57
C VAL B 51 -26.40 -8.96 4.40
N GLN B 52 -27.64 -9.41 4.26
CA GLN B 52 -28.61 -8.82 3.30
C GLN B 52 -29.78 -8.31 4.13
N VAL B 53 -30.29 -7.12 3.84
CA VAL B 53 -31.16 -6.32 4.74
C VAL B 53 -32.49 -6.11 4.03
N GLY B 54 -33.60 -6.53 4.66
CA GLY B 54 -34.97 -6.34 4.16
C GLY B 54 -35.25 -7.15 2.90
N GLU B 55 -36.45 -6.98 2.33
CA GLU B 55 -36.90 -7.73 1.11
C GLU B 55 -36.02 -7.34 -0.11
N LYS B 56 -35.44 -6.14 -0.19
CA LYS B 56 -34.54 -5.74 -1.32
C LYS B 56 -33.13 -6.34 -1.19
N ARG B 57 -32.75 -6.90 -0.04
CA ARG B 57 -31.47 -7.66 0.13
C ARG B 57 -30.27 -6.71 0.06
N TRP B 58 -30.40 -5.52 0.64
CA TRP B 58 -29.31 -4.52 0.75
C TRP B 58 -28.10 -5.18 1.43
N PHE B 59 -26.95 -5.17 0.77
CA PHE B 59 -25.74 -5.96 1.11
C PHE B 59 -24.76 -5.09 1.92
N PHE B 60 -24.24 -5.64 3.04
CA PHE B 60 -23.30 -4.94 3.96
C PHE B 60 -22.41 -5.93 4.69
N PRO B 61 -21.25 -5.47 5.22
CA PRO B 61 -20.50 -6.26 6.20
C PRO B 61 -21.19 -6.45 7.55
N SER B 62 -20.64 -7.36 8.36
CA SER B 62 -21.25 -7.88 9.61
C SER B 62 -21.57 -6.75 10.57
N ARG B 63 -20.78 -5.68 10.61
CA ARG B 63 -21.00 -4.59 11.59
C ARG B 63 -22.30 -3.84 11.29
N PHE B 64 -22.91 -4.01 10.11
CA PHE B 64 -24.24 -3.40 9.91
C PHE B 64 -25.23 -3.97 10.93
N LYS B 65 -25.16 -5.28 11.19
CA LYS B 65 -26.10 -5.92 12.14
C LYS B 65 -25.94 -5.19 13.47
N GLN B 66 -24.73 -4.78 13.79
CA GLN B 66 -24.38 -4.21 15.11
C GLN B 66 -24.77 -2.74 15.22
N TYR B 67 -24.81 -1.99 14.13
CA TYR B 67 -24.97 -0.52 14.19
C TYR B 67 -26.29 -0.09 13.56
N ALA B 68 -27.05 -1.03 13.01
CA ALA B 68 -28.32 -0.77 12.29
C ALA B 68 -29.17 0.21 13.10
N GLU B 69 -29.40 -0.06 14.39
CA GLU B 69 -30.31 0.72 15.27
C GLU B 69 -29.81 2.16 15.43
N SER B 70 -28.52 2.31 15.72
CA SER B 70 -27.85 3.63 15.84
C SER B 70 -28.07 4.40 14.55
N LEU B 71 -27.79 3.80 13.40
CA LEU B 71 -27.84 4.56 12.11
C LEU B 71 -29.29 5.00 11.86
N TYR B 72 -30.26 4.09 12.07
CA TYR B 72 -31.67 4.33 11.71
C TYR B 72 -32.25 5.45 12.58
N SER B 73 -31.83 5.53 13.84
CA SER B 73 -32.40 6.50 14.80
C SER B 73 -31.54 7.77 14.88
N PHE B 74 -30.45 7.87 14.10
CA PHE B 74 -29.62 9.11 13.98
C PHE B 74 -30.53 10.31 13.69
N GLU B 75 -30.39 11.39 14.47
CA GLU B 75 -31.33 12.54 14.45
C GLU B 75 -30.84 13.54 13.39
N ALA B 76 -31.52 13.64 12.25
CA ALA B 76 -31.30 14.70 11.25
C ALA B 76 -31.85 16.01 11.78
N ARG B 77 -31.39 17.11 11.19
CA ARG B 77 -31.81 18.50 11.53
C ARG B 77 -32.29 19.13 10.24
N PRO B 78 -33.20 20.12 10.29
CA PRO B 78 -33.75 20.72 9.07
C PRO B 78 -32.70 21.43 8.17
N ASP B 79 -31.58 21.88 8.73
CA ASP B 79 -30.53 22.63 7.97
C ASP B 79 -29.33 21.73 7.67
N ASP B 80 -29.49 20.41 7.76
CA ASP B 80 -28.50 19.42 7.26
C ASP B 80 -28.46 19.52 5.74
N THR B 81 -27.30 19.29 5.14
CA THR B 81 -27.21 19.01 3.69
C THR B 81 -26.66 17.59 3.55
N TRP B 82 -27.41 16.71 2.88
CA TRP B 82 -27.07 15.27 2.72
C TRP B 82 -26.73 15.02 1.25
N ILE B 83 -25.61 14.33 1.01
CA ILE B 83 -25.30 13.79 -0.33
C ILE B 83 -25.49 12.28 -0.23
N VAL B 84 -26.49 11.78 -0.95
CA VAL B 84 -26.79 10.33 -1.02
C VAL B 84 -26.41 9.90 -2.42
N THR B 85 -25.56 8.89 -2.55
CA THR B 85 -25.15 8.26 -3.83
C THR B 85 -24.87 6.78 -3.67
N TYR B 86 -24.97 6.00 -4.74
CA TYR B 86 -24.28 4.69 -4.82
C TYR B 86 -22.80 5.04 -4.81
N PRO B 87 -21.88 4.22 -4.28
CA PRO B 87 -20.45 4.52 -4.35
C PRO B 87 -19.89 4.74 -5.77
N ARG B 88 -18.87 5.62 -5.87
CA ARG B 88 -18.09 5.98 -7.07
C ARG B 88 -19.00 6.58 -8.14
N SER B 89 -19.98 7.36 -7.72
CA SER B 89 -20.98 8.04 -8.57
C SER B 89 -20.77 9.55 -8.50
N GLY B 90 -19.68 10.02 -7.90
CA GLY B 90 -19.35 11.46 -7.94
C GLY B 90 -19.61 12.21 -6.65
N THR B 91 -19.50 11.53 -5.52
CA THR B 91 -19.73 12.04 -4.14
C THR B 91 -18.68 13.09 -3.78
N THR B 92 -17.38 12.79 -3.96
CA THR B 92 -16.27 13.64 -3.46
C THR B 92 -16.31 15.00 -4.16
N TRP B 93 -16.38 14.96 -5.49
CA TRP B 93 -16.63 16.12 -6.36
C TRP B 93 -17.81 16.92 -5.81
N SER B 94 -18.98 16.29 -5.70
CA SER B 94 -20.23 16.94 -5.24
C SER B 94 -20.04 17.56 -3.84
N GLN B 95 -19.37 16.86 -2.92
CA GLN B 95 -19.20 17.30 -1.52
C GLN B 95 -18.47 18.63 -1.54
N GLU B 96 -17.40 18.74 -2.32
CA GLU B 96 -16.52 19.94 -2.33
C GLU B 96 -17.34 21.08 -2.91
N MET B 97 -18.08 20.82 -3.97
CA MET B 97 -18.94 21.85 -4.63
C MET B 97 -19.89 22.41 -3.58
N VAL B 98 -20.64 21.51 -2.94
CA VAL B 98 -21.76 21.83 -2.02
C VAL B 98 -21.21 22.57 -0.79
N TRP B 99 -20.11 22.06 -0.20
CA TRP B 99 -19.50 22.62 1.02
C TRP B 99 -19.17 24.09 0.75
N LEU B 100 -18.52 24.36 -0.38
CA LEU B 100 -18.11 25.73 -0.76
C LEU B 100 -19.35 26.61 -0.99
N LEU B 101 -20.34 26.13 -1.74
CA LEU B 101 -21.61 26.89 -1.98
C LEU B 101 -22.29 27.28 -0.67
N CYS B 102 -22.18 26.50 0.40
CA CYS B 102 -22.91 26.73 1.68
C CYS B 102 -22.00 27.40 2.72
N ASN B 103 -20.78 27.79 2.35
CA ASN B 103 -19.80 28.47 3.24
C ASN B 103 -19.11 29.59 2.46
N GLU B 104 -19.89 30.39 1.74
CA GLU B 104 -19.41 31.64 1.10
C GLU B 104 -18.08 31.40 0.40
N LEU B 105 -17.99 30.32 -0.38
CA LEU B 105 -16.84 30.05 -1.27
C LEU B 105 -15.53 30.16 -0.48
N ASP B 106 -15.51 29.70 0.77
CA ASP B 106 -14.33 29.85 1.64
C ASP B 106 -13.30 28.78 1.28
N PHE B 107 -12.55 29.01 0.20
CA PHE B 107 -11.48 28.11 -0.35
C PHE B 107 -10.38 27.86 0.67
N GLU B 108 -10.01 28.87 1.47
CA GLU B 108 -8.93 28.78 2.50
C GLU B 108 -9.26 27.68 3.51
N THR B 109 -10.42 27.78 4.16
CA THR B 109 -10.92 26.77 5.13
C THR B 109 -11.11 25.42 4.43
N ALA B 110 -11.59 25.39 3.19
CA ALA B 110 -11.75 24.15 2.41
C ALA B 110 -10.38 23.48 2.25
N LYS B 111 -9.31 24.26 2.07
CA LYS B 111 -7.94 23.74 1.90
C LYS B 111 -7.42 23.15 3.23
N SER B 112 -7.63 23.83 4.36
CA SER B 112 -6.96 23.52 5.65
C SER B 112 -7.73 22.50 6.50
N ILE B 113 -9.04 22.30 6.28
CA ILE B 113 -9.81 21.20 6.96
C ILE B 113 -10.06 20.07 5.94
N PRO B 114 -9.61 18.83 6.21
CA PRO B 114 -9.95 17.70 5.33
C PRO B 114 -11.47 17.58 5.04
N LEU B 115 -11.80 17.10 3.83
CA LEU B 115 -13.20 16.93 3.36
C LEU B 115 -13.95 15.97 4.29
N THR B 116 -13.29 14.90 4.74
CA THR B 116 -13.84 13.89 5.68
C THR B 116 -14.12 14.47 7.07
N GLN B 117 -13.49 15.59 7.45
CA GLN B 117 -13.88 16.35 8.67
C GLN B 117 -15.00 17.33 8.34
N ARG B 118 -14.92 18.06 7.23
CA ARG B 118 -15.96 19.06 6.84
C ARG B 118 -17.27 18.38 6.45
N PHE B 119 -17.24 17.13 5.94
CA PHE B 119 -18.36 16.42 5.28
C PHE B 119 -18.39 14.95 5.67
N PRO B 120 -18.56 14.65 6.97
CA PRO B 120 -18.34 13.30 7.50
C PRO B 120 -19.20 12.23 6.83
N PHE B 121 -18.59 11.07 6.64
CA PHE B 121 -19.19 9.84 6.10
C PHE B 121 -19.90 9.06 7.23
N LEU B 122 -21.24 9.16 7.22
CA LEU B 122 -22.12 8.61 8.27
C LEU B 122 -21.73 7.17 8.63
N GLU B 123 -21.60 6.26 7.65
CA GLU B 123 -21.52 4.81 7.95
C GLU B 123 -20.11 4.25 7.70
N PHE B 124 -19.09 5.09 7.58
CA PHE B 124 -17.72 4.59 7.20
C PHE B 124 -17.33 3.49 8.19
N HIS B 125 -17.62 3.69 9.47
CA HIS B 125 -17.26 2.76 10.58
C HIS B 125 -17.77 1.32 10.32
N LEU B 126 -18.70 1.07 9.40
CA LEU B 126 -19.22 -0.31 9.20
C LEU B 126 -18.11 -1.17 8.61
N PHE B 127 -17.18 -0.56 7.88
CA PHE B 127 -16.17 -1.27 7.06
C PHE B 127 -14.82 -1.37 7.74
N VAL B 128 -14.76 -1.10 9.06
CA VAL B 128 -13.56 -1.21 9.92
C VAL B 128 -13.76 -2.37 10.89
N HIS B 129 -13.47 -3.57 10.41
CA HIS B 129 -13.60 -4.81 11.19
C HIS B 129 -12.52 -4.82 12.27
N ASP B 130 -12.85 -5.33 13.45
CA ASP B 130 -11.89 -5.47 14.59
C ASP B 130 -10.60 -6.17 14.15
N GLU B 131 -10.66 -7.33 13.49
CA GLU B 131 -9.45 -8.12 13.10
C GLU B 131 -8.57 -7.29 12.17
N VAL B 132 -9.16 -6.49 11.30
CA VAL B 132 -8.45 -5.61 10.33
C VAL B 132 -7.95 -4.35 11.04
N LYS B 133 -8.66 -3.86 12.04
CA LYS B 133 -8.21 -2.68 12.82
C LYS B 133 -6.99 -3.07 13.68
N ALA B 134 -6.88 -4.34 14.11
CA ALA B 134 -5.69 -4.88 14.81
C ALA B 134 -4.45 -4.80 13.91
N GLU B 135 -4.59 -5.00 12.61
CA GLU B 135 -3.48 -4.94 11.63
C GLU B 135 -3.08 -3.46 11.42
N PHE B 136 -4.03 -2.53 11.40
CA PHE B 136 -3.71 -1.09 11.24
C PHE B 136 -2.93 -0.65 12.48
N LEU B 137 -3.42 -1.03 13.67
CA LEU B 137 -2.86 -0.58 14.97
C LEU B 137 -1.42 -1.12 15.13
N LYS B 138 -1.17 -2.34 14.64
CA LYS B 138 0.17 -2.99 14.71
C LYS B 138 1.16 -2.15 13.91
N GLU B 139 0.75 -1.67 12.73
CA GLU B 139 1.59 -0.97 11.73
C GLU B 139 1.75 0.50 12.14
N ASN B 140 0.99 0.97 13.11
CA ASN B 140 1.05 2.38 13.57
C ASN B 140 1.36 2.41 15.07
N GLU B 141 1.85 1.31 15.64
CA GLU B 141 1.83 1.06 17.10
C GLU B 141 2.85 1.95 17.82
N HIS B 142 3.61 2.79 17.10
CA HIS B 142 4.64 3.69 17.69
C HIS B 142 4.19 5.15 17.64
N ASP B 143 3.04 5.44 17.05
CA ASP B 143 2.49 6.81 16.89
C ASP B 143 1.10 6.83 17.54
N VAL B 144 1.07 7.25 18.80
CA VAL B 144 -0.14 7.36 19.68
C VAL B 144 -1.26 8.11 18.94
N GLU B 145 -0.93 9.19 18.22
CA GLU B 145 -1.91 10.04 17.51
C GLU B 145 -2.53 9.20 16.38
N SER B 146 -1.68 8.57 15.58
CA SER B 146 -2.04 7.63 14.49
C SER B 146 -2.98 6.54 15.00
N MET B 147 -2.79 6.07 16.23
CA MET B 147 -3.65 5.01 16.83
C MET B 147 -5.01 5.58 17.28
N LYS B 148 -5.00 6.77 17.87
CA LYS B 148 -6.24 7.48 18.31
C LYS B 148 -7.11 7.75 17.08
N PHE B 149 -6.51 8.16 15.97
CA PHE B 149 -7.19 8.39 14.66
C PHE B 149 -7.84 7.08 14.18
N ILE B 150 -7.12 5.97 14.19
CA ILE B 150 -7.58 4.66 13.63
C ILE B 150 -8.78 4.14 14.46
N GLU B 151 -8.78 4.35 15.78
CA GLU B 151 -9.87 3.85 16.68
C GLU B 151 -11.10 4.73 16.42
N GLN B 152 -10.90 6.02 16.16
CA GLN B 152 -11.95 7.02 15.83
C GLN B 152 -12.68 6.62 14.53
N LEU B 153 -11.94 6.20 13.50
CA LEU B 153 -12.50 5.62 12.24
C LEU B 153 -13.52 4.52 12.54
N SER B 154 -13.29 3.73 13.61
CA SER B 154 -14.08 2.55 14.07
C SER B 154 -15.38 2.98 14.76
N GLN B 155 -15.49 4.25 15.14
CA GLN B 155 -16.65 4.76 15.90
C GLN B 155 -17.57 5.50 14.94
N PRO B 156 -18.89 5.48 15.15
CA PRO B 156 -19.80 6.26 14.32
C PRO B 156 -19.47 7.77 14.32
N ALA B 157 -19.39 8.35 13.12
CA ALA B 157 -19.33 9.80 12.91
C ALA B 157 -20.53 10.50 13.58
N GLY B 158 -21.61 9.76 13.83
CA GLY B 158 -22.87 10.31 14.33
C GLY B 158 -22.69 11.11 15.62
N PHE B 159 -21.74 10.69 16.48
CA PHE B 159 -21.43 11.30 17.80
C PHE B 159 -20.95 12.74 17.57
N MET B 160 -19.80 12.92 16.93
CA MET B 160 -19.18 14.25 16.63
C MET B 160 -20.21 15.13 15.94
N LEU B 161 -21.03 14.56 15.04
CA LEU B 161 -22.11 15.27 14.28
C LEU B 161 -23.19 15.79 15.23
N ALA B 162 -23.64 14.97 16.19
CA ALA B 162 -24.65 15.35 17.20
C ALA B 162 -24.11 16.50 18.06
N GLU B 163 -22.80 16.55 18.33
CA GLU B 163 -22.15 17.60 19.14
C GLU B 163 -22.22 18.94 18.39
N MET B 164 -22.21 18.92 17.06
CA MET B 164 -22.01 20.15 16.24
C MET B 164 -23.15 21.13 16.52
N LYS B 165 -22.84 22.43 16.50
CA LYS B 165 -23.84 23.50 16.74
C LYS B 165 -23.86 24.42 15.50
N THR B 166 -23.38 23.92 14.36
CA THR B 166 -23.35 24.64 13.05
C THR B 166 -24.02 23.75 12.02
N PRO B 167 -24.47 24.31 10.87
CA PRO B 167 -25.06 23.49 9.81
C PRO B 167 -24.10 22.33 9.47
N ARG B 168 -24.67 21.16 9.26
CA ARG B 168 -23.92 19.91 9.03
C ARG B 168 -23.98 19.50 7.56
N PHE B 169 -22.93 18.83 7.12
CA PHE B 169 -22.74 18.26 5.77
C PHE B 169 -22.52 16.76 5.97
N ILE B 170 -23.42 15.91 5.44
CA ILE B 170 -23.36 14.45 5.76
C ILE B 170 -23.35 13.64 4.46
N LYS B 171 -22.29 12.85 4.27
CA LYS B 171 -22.16 11.90 3.14
C LYS B 171 -22.76 10.56 3.58
N THR B 172 -23.57 9.95 2.73
CA THR B 172 -23.96 8.53 2.87
C THR B 172 -24.11 7.86 1.50
N HIS B 173 -23.93 6.56 1.51
CA HIS B 173 -24.32 5.68 0.39
C HIS B 173 -25.54 4.86 0.81
N LEU B 174 -26.09 5.12 1.99
CA LEU B 174 -27.34 4.45 2.44
C LEU B 174 -28.43 4.77 1.42
N PRO B 175 -29.15 3.77 0.87
CA PRO B 175 -30.27 4.04 -0.02
C PRO B 175 -31.41 4.80 0.68
N ILE B 176 -32.26 5.47 -0.08
CA ILE B 176 -33.40 6.26 0.46
C ILE B 176 -34.08 5.46 1.58
N SER B 177 -34.42 4.20 1.28
CA SER B 177 -35.27 3.38 2.16
C SER B 177 -34.49 2.97 3.40
N LEU B 178 -33.16 3.10 3.41
CA LEU B 178 -32.36 2.84 4.64
C LEU B 178 -31.88 4.15 5.28
N LEU B 179 -32.32 5.33 4.85
CA LEU B 179 -31.90 6.61 5.49
C LEU B 179 -32.50 6.70 6.88
N PRO B 180 -31.86 7.37 7.84
CA PRO B 180 -32.53 7.72 9.09
C PRO B 180 -33.83 8.43 8.71
N PRO B 181 -35.02 7.99 9.18
CA PRO B 181 -36.29 8.64 8.84
C PRO B 181 -36.37 10.14 9.18
N SER B 182 -35.58 10.63 10.15
CA SER B 182 -35.52 12.06 10.57
C SER B 182 -35.14 12.91 9.37
N VAL B 183 -34.36 12.37 8.43
CA VAL B 183 -33.96 13.10 7.19
C VAL B 183 -35.21 13.67 6.48
N PHE B 184 -36.19 12.85 6.16
CA PHE B 184 -37.41 13.33 5.44
C PHE B 184 -38.34 14.04 6.42
N GLU B 185 -38.49 13.49 7.63
CA GLU B 185 -39.24 14.12 8.75
C GLU B 185 -38.84 15.58 8.88
N GLN B 186 -37.54 15.86 8.84
CA GLN B 186 -36.97 17.22 9.06
C GLN B 186 -36.89 17.97 7.73
N LYS B 187 -37.14 17.28 6.60
CA LYS B 187 -37.19 17.91 5.24
C LYS B 187 -35.82 18.51 4.91
N ALA B 188 -34.76 17.92 5.46
CA ALA B 188 -33.34 18.23 5.19
C ALA B 188 -33.03 18.03 3.70
N LYS B 189 -32.08 18.78 3.18
CA LYS B 189 -31.79 18.85 1.73
C LYS B 189 -30.89 17.67 1.38
N ILE B 190 -31.26 17.00 0.29
CA ILE B 190 -30.63 15.75 -0.23
C ILE B 190 -30.22 16.01 -1.67
N ILE B 191 -28.93 15.84 -1.98
CA ILE B 191 -28.43 15.79 -3.38
C ILE B 191 -28.15 14.31 -3.70
N TYR B 192 -28.95 13.70 -4.56
CA TYR B 192 -28.74 12.31 -5.04
C TYR B 192 -28.05 12.38 -6.41
N VAL B 193 -26.86 11.78 -6.53
CA VAL B 193 -26.05 11.71 -7.77
C VAL B 193 -26.01 10.25 -8.23
N ALA B 194 -26.19 10.05 -9.53
CA ALA B 194 -26.30 8.74 -10.18
C ALA B 194 -25.31 8.72 -11.34
N ARG B 195 -24.59 7.63 -11.48
CA ARG B 195 -23.57 7.45 -12.54
C ARG B 195 -23.83 6.09 -13.19
N ASN B 196 -23.39 5.91 -14.43
CA ASN B 196 -23.79 4.73 -15.24
C ASN B 196 -23.06 3.52 -14.70
N PRO B 197 -23.69 2.33 -14.83
CA PRO B 197 -23.16 1.09 -14.25
C PRO B 197 -21.75 0.73 -14.75
N SER B 198 -21.48 1.00 -16.02
CA SER B 198 -20.16 0.65 -16.61
C SER B 198 -19.07 1.41 -15.86
N ASP B 199 -19.14 2.73 -15.83
CA ASP B 199 -18.19 3.59 -15.09
C ASP B 199 -18.17 3.20 -13.60
N VAL B 200 -19.33 3.02 -12.98
CA VAL B 200 -19.39 2.66 -11.51
C VAL B 200 -18.67 1.31 -11.26
N ALA B 201 -18.84 0.31 -12.12
CA ALA B 201 -18.28 -1.05 -11.92
C ALA B 201 -16.75 -0.96 -11.86
N VAL B 202 -16.16 -0.33 -12.87
CA VAL B 202 -14.69 -0.19 -13.00
C VAL B 202 -14.15 0.67 -11.84
N SER B 203 -14.79 1.78 -11.53
CA SER B 203 -14.35 2.66 -10.43
C SER B 203 -14.49 1.90 -9.09
N TYR B 204 -15.58 1.16 -8.90
CA TYR B 204 -15.89 0.48 -7.61
C TYR B 204 -14.83 -0.60 -7.37
N TYR B 205 -14.48 -1.34 -8.42
CA TYR B 205 -13.41 -2.38 -8.42
C TYR B 205 -12.08 -1.76 -7.94
N HIS B 206 -11.66 -0.69 -8.58
CA HIS B 206 -10.46 0.08 -8.15
C HIS B 206 -10.58 0.46 -6.67
N LEU B 207 -11.72 0.97 -6.24
CA LEU B 207 -11.95 1.35 -4.81
C LEU B 207 -11.66 0.14 -3.92
N ASN B 208 -12.19 -1.03 -4.28
CA ASN B 208 -12.15 -2.26 -3.45
C ASN B 208 -10.72 -2.77 -3.30
N ARG B 209 -9.87 -2.51 -4.30
CA ARG B 209 -8.43 -2.89 -4.30
C ARG B 209 -7.61 -1.81 -3.58
N LEU B 210 -8.03 -0.56 -3.66
CA LEU B 210 -7.32 0.57 -3.06
C LEU B 210 -7.45 0.51 -1.53
N TYR B 211 -8.65 0.24 -1.03
CA TYR B 211 -9.02 0.36 0.39
C TYR B 211 -8.88 -0.99 1.09
N ARG B 212 -7.97 -1.08 2.07
CA ARG B 212 -7.72 -2.29 2.88
C ARG B 212 -8.93 -2.61 3.75
N THR B 213 -9.82 -1.63 4.02
CA THR B 213 -11.13 -1.83 4.70
C THR B 213 -12.05 -2.73 3.86
N GLN B 214 -11.78 -2.88 2.57
CA GLN B 214 -12.53 -3.75 1.63
C GLN B 214 -11.75 -5.03 1.38
N GLY B 215 -10.45 -4.90 1.03
CA GLY B 215 -9.45 -5.98 0.94
C GLY B 215 -9.66 -6.92 -0.25
N TYR B 216 -10.27 -6.45 -1.34
CA TYR B 216 -10.57 -7.28 -2.53
C TYR B 216 -9.24 -7.60 -3.21
N VAL B 217 -9.05 -8.86 -3.60
CA VAL B 217 -7.77 -9.38 -4.17
C VAL B 217 -7.96 -9.77 -5.64
N GLY B 218 -9.13 -10.26 -6.04
CA GLY B 218 -9.37 -10.82 -7.39
C GLY B 218 -9.28 -9.78 -8.48
N ASP B 219 -9.68 -10.14 -9.70
CA ASP B 219 -9.64 -9.26 -10.90
C ASP B 219 -11.03 -8.65 -11.18
N PHE B 220 -11.11 -7.80 -12.21
CA PHE B 220 -12.35 -7.10 -12.60
C PHE B 220 -13.46 -8.10 -12.98
N GLU B 221 -13.18 -9.21 -13.66
CA GLU B 221 -14.26 -10.11 -14.16
C GLU B 221 -14.99 -10.67 -12.94
N THR B 222 -14.24 -11.22 -11.98
CA THR B 222 -14.80 -11.73 -10.70
C THR B 222 -15.61 -10.64 -9.99
N PHE B 223 -15.09 -9.40 -9.97
CA PHE B 223 -15.70 -8.31 -9.18
C PHE B 223 -17.00 -7.89 -9.86
N TYR B 224 -16.99 -7.76 -11.16
CA TYR B 224 -18.24 -7.52 -11.91
C TYR B 224 -19.28 -8.60 -11.63
N ASN B 225 -18.90 -9.89 -11.50
CA ASN B 225 -19.87 -10.99 -11.19
C ASN B 225 -20.53 -10.77 -9.83
N TYR B 226 -19.77 -10.29 -8.88
CA TYR B 226 -20.28 -9.92 -7.53
C TYR B 226 -21.21 -8.71 -7.65
N PHE B 227 -20.79 -7.66 -8.37
CA PHE B 227 -21.57 -6.43 -8.65
C PHE B 227 -22.91 -6.82 -9.30
N GLU B 228 -22.88 -7.67 -10.33
CA GLU B 228 -24.10 -8.08 -11.09
C GLU B 228 -25.08 -8.87 -10.20
N LYS B 229 -24.59 -9.56 -9.16
CA LYS B 229 -25.44 -10.36 -8.24
C LYS B 229 -25.82 -9.51 -7.00
N ASP B 230 -25.50 -8.23 -7.02
CA ASP B 230 -25.79 -7.29 -5.91
C ASP B 230 -25.03 -7.77 -4.66
N LEU B 231 -23.83 -8.34 -4.82
CA LEU B 231 -23.06 -8.93 -3.68
C LEU B 231 -21.84 -8.03 -3.40
N THR B 232 -22.04 -6.72 -3.57
CA THR B 232 -21.09 -5.65 -3.16
C THR B 232 -21.83 -4.68 -2.23
N PRO B 233 -21.12 -4.04 -1.27
CA PRO B 233 -21.72 -3.11 -0.35
C PRO B 233 -22.59 -2.03 -1.03
N TRP B 234 -23.81 -1.91 -0.52
CA TRP B 234 -24.83 -0.88 -0.83
C TRP B 234 -25.64 -1.28 -2.06
N SER B 235 -25.27 -2.36 -2.75
CA SER B 235 -26.15 -3.01 -3.77
C SER B 235 -27.40 -3.51 -3.08
N PRO B 236 -28.55 -3.66 -3.78
CA PRO B 236 -28.67 -3.54 -5.23
C PRO B 236 -28.54 -2.15 -5.88
N TYR B 237 -27.52 -1.99 -6.74
CA TYR B 237 -27.28 -0.75 -7.52
C TYR B 237 -28.60 -0.24 -8.13
N TRP B 238 -29.34 -1.09 -8.89
CA TRP B 238 -30.50 -0.64 -9.70
C TRP B 238 -31.60 -0.14 -8.77
N GLU B 239 -31.78 -0.78 -7.64
CA GLU B 239 -32.75 -0.35 -6.60
C GLU B 239 -32.34 0.99 -5.98
N HIS B 240 -31.03 1.17 -5.79
CA HIS B 240 -30.46 2.42 -5.22
C HIS B 240 -30.84 3.58 -6.12
N ILE B 241 -30.60 3.40 -7.41
CA ILE B 241 -30.91 4.41 -8.43
C ILE B 241 -32.42 4.61 -8.50
N LYS B 242 -33.23 3.55 -8.48
CA LYS B 242 -34.69 3.77 -8.68
C LYS B 242 -35.25 4.55 -7.50
N GLU B 243 -34.91 4.18 -6.28
CA GLU B 243 -35.39 4.91 -5.08
C GLU B 243 -34.97 6.38 -5.18
N GLY B 244 -33.74 6.64 -5.65
CA GLY B 244 -33.30 8.02 -5.91
C GLY B 244 -34.32 8.72 -6.80
N TRP B 245 -34.56 8.16 -7.99
CA TRP B 245 -35.39 8.73 -9.08
C TRP B 245 -36.83 8.97 -8.57
N ALA B 246 -37.33 8.04 -7.76
CA ALA B 246 -38.66 8.08 -7.11
C ALA B 246 -38.78 9.27 -6.15
N GLU B 247 -37.68 9.83 -5.63
CA GLU B 247 -37.80 10.98 -4.70
C GLU B 247 -37.54 12.33 -5.40
N ARG B 248 -37.20 12.35 -6.69
CA ARG B 248 -36.58 13.55 -7.34
C ARG B 248 -37.58 14.72 -7.45
N ASP B 249 -38.86 14.47 -7.25
CA ASP B 249 -39.96 15.47 -7.34
C ASP B 249 -40.13 16.20 -6.02
N ARG B 250 -39.66 15.60 -4.92
CA ARG B 250 -39.77 16.22 -3.59
C ARG B 250 -39.04 17.57 -3.63
N GLU B 251 -39.51 18.49 -2.79
CA GLU B 251 -39.01 19.88 -2.65
C GLU B 251 -37.58 19.88 -2.08
N ASN B 252 -37.24 18.92 -1.21
CA ASN B 252 -35.94 18.80 -0.50
C ASN B 252 -35.01 17.78 -1.22
N VAL B 253 -35.32 17.36 -2.45
CA VAL B 253 -34.37 16.50 -3.22
C VAL B 253 -33.94 17.18 -4.54
N LEU B 254 -32.65 17.06 -4.87
CA LEU B 254 -32.04 17.40 -6.19
C LEU B 254 -31.30 16.18 -6.79
N PHE B 255 -31.83 15.61 -7.87
CA PHE B 255 -31.28 14.40 -8.54
C PHE B 255 -30.48 14.84 -9.75
N MET B 256 -29.24 14.36 -9.90
CA MET B 256 -28.36 14.75 -11.03
C MET B 256 -27.58 13.52 -11.50
N TYR B 257 -27.29 13.46 -12.79
CA TYR B 257 -26.32 12.48 -13.33
C TYR B 257 -24.90 13.10 -13.29
N TYR B 258 -23.96 12.37 -12.73
CA TYR B 258 -22.50 12.65 -12.84
C TYR B 258 -22.19 13.13 -14.25
N GLU B 259 -22.67 12.41 -15.28
CA GLU B 259 -22.33 12.64 -16.70
C GLU B 259 -22.70 14.08 -17.11
N ASP B 260 -23.90 14.57 -16.76
CA ASP B 260 -24.32 15.98 -17.04
C ASP B 260 -23.44 16.96 -16.22
N MET B 261 -23.06 16.60 -14.99
CA MET B 261 -22.19 17.45 -14.14
C MET B 261 -20.80 17.59 -14.77
N LYS B 262 -20.27 16.53 -15.39
CA LYS B 262 -18.97 16.56 -16.10
C LYS B 262 -19.09 17.51 -17.31
N ARG B 263 -20.18 17.41 -18.08
CA ARG B 263 -20.45 18.15 -19.37
C ARG B 263 -20.65 19.67 -19.14
N ASN B 264 -21.44 20.07 -18.14
CA ASN B 264 -21.79 21.49 -17.90
C ASN B 264 -21.69 21.86 -16.40
N LEU B 265 -20.45 22.04 -15.95
CA LEU B 265 -20.10 22.49 -14.58
C LEU B 265 -20.81 23.80 -14.26
N PRO B 266 -20.66 24.90 -15.03
CA PRO B 266 -21.34 26.15 -14.69
C PRO B 266 -22.84 25.94 -14.41
N ASP B 267 -23.48 25.11 -15.23
CA ASP B 267 -24.91 24.79 -15.05
C ASP B 267 -25.12 24.02 -13.75
N THR B 268 -24.32 22.99 -13.50
CA THR B 268 -24.37 22.14 -12.28
C THR B 268 -24.25 23.06 -11.06
N ILE B 269 -23.17 23.82 -10.96
CA ILE B 269 -22.89 24.70 -9.77
C ILE B 269 -24.09 25.62 -9.52
N ARG B 270 -24.62 26.25 -10.56
CA ARG B 270 -25.67 27.29 -10.43
C ARG B 270 -26.98 26.65 -9.97
N LYS B 271 -27.35 25.53 -10.62
CA LYS B 271 -28.50 24.67 -10.27
C LYS B 271 -28.39 24.26 -8.80
N THR B 272 -27.23 23.74 -8.40
CA THR B 272 -27.01 23.26 -7.02
C THR B 272 -27.14 24.48 -6.08
N ALA B 273 -26.52 25.61 -6.41
CA ALA B 273 -26.57 26.81 -5.55
C ALA B 273 -28.05 27.27 -5.40
N ALA B 274 -28.86 27.16 -6.44
CA ALA B 274 -30.28 27.62 -6.43
C ALA B 274 -31.12 26.76 -5.48
N PHE B 275 -30.93 25.44 -5.59
CA PHE B 275 -31.50 24.39 -4.72
C PHE B 275 -31.19 24.66 -3.24
N LEU B 276 -30.00 25.10 -2.91
CA LEU B 276 -29.57 25.32 -1.50
C LEU B 276 -29.90 26.75 -1.02
N GLY B 277 -30.57 27.54 -1.86
CA GLY B 277 -30.91 28.95 -1.58
C GLY B 277 -29.67 29.83 -1.46
N LYS B 278 -28.76 29.76 -2.44
CA LYS B 278 -27.55 30.63 -2.49
C LYS B 278 -27.41 31.29 -3.87
N SER B 279 -26.78 32.48 -3.89
CA SER B 279 -26.62 33.38 -5.07
C SER B 279 -25.15 33.75 -5.29
N PHE B 280 -24.65 33.60 -6.53
CA PHE B 280 -23.22 33.83 -6.86
C PHE B 280 -23.07 34.40 -8.27
N SER B 281 -22.10 35.33 -8.43
CA SER B 281 -21.73 36.02 -9.70
C SER B 281 -21.10 35.04 -10.69
N ASP B 282 -21.22 35.33 -12.00
CA ASP B 282 -20.54 34.55 -13.07
C ASP B 282 -19.05 34.39 -12.72
N ASP B 283 -18.42 35.36 -12.04
CA ASP B 283 -16.96 35.32 -11.67
C ASP B 283 -16.68 34.30 -10.58
N GLN B 284 -17.52 34.22 -9.57
CA GLN B 284 -17.43 33.19 -8.50
C GLN B 284 -17.67 31.81 -9.12
N ILE B 285 -18.64 31.65 -10.02
CA ILE B 285 -18.92 30.33 -10.66
C ILE B 285 -17.64 29.90 -11.39
N ASP B 286 -16.98 30.85 -12.04
CA ASP B 286 -15.77 30.64 -12.87
C ASP B 286 -14.66 30.10 -11.96
N THR B 287 -14.45 30.75 -10.83
CA THR B 287 -13.49 30.29 -9.79
C THR B 287 -13.78 28.84 -9.42
N MET B 288 -15.04 28.51 -9.19
CA MET B 288 -15.49 27.15 -8.76
C MET B 288 -15.23 26.13 -9.88
N CYS B 289 -15.27 26.53 -11.13
CA CYS B 289 -15.04 25.62 -12.27
C CYS B 289 -13.57 25.22 -12.29
N THR B 290 -12.66 26.18 -12.07
CA THR B 290 -11.18 26.00 -11.99
C THR B 290 -10.86 25.06 -10.82
N HIS B 291 -11.42 25.35 -9.65
CA HIS B 291 -11.19 24.60 -8.39
C HIS B 291 -11.61 23.13 -8.53
N LEU B 292 -12.71 22.88 -9.27
CA LEU B 292 -13.39 21.57 -9.37
C LEU B 292 -12.99 20.88 -10.67
N ASP B 293 -12.21 21.50 -11.53
CA ASP B 293 -11.59 20.79 -12.67
C ASP B 293 -10.71 19.64 -12.14
N ILE B 294 -10.77 18.47 -12.76
CA ILE B 294 -10.02 17.26 -12.27
C ILE B 294 -8.52 17.58 -12.23
N ARG B 295 -8.04 18.36 -13.20
CA ARG B 295 -6.62 18.81 -13.29
C ARG B 295 -6.17 19.40 -11.94
N ASN B 296 -6.95 20.27 -11.29
CA ASN B 296 -6.57 20.95 -10.02
C ASN B 296 -6.99 20.09 -8.80
N PHE B 297 -8.18 19.49 -8.87
CA PHE B 297 -8.85 18.68 -7.81
C PHE B 297 -7.96 17.52 -7.33
N ARG B 298 -7.34 16.77 -8.26
CA ARG B 298 -6.46 15.61 -7.95
C ARG B 298 -5.16 16.03 -7.23
N HIS B 299 -4.84 17.32 -7.13
CA HIS B 299 -3.63 17.82 -6.41
C HIS B 299 -4.08 18.55 -5.14
N ASN B 300 -5.38 18.54 -4.86
CA ASN B 300 -6.03 19.21 -3.70
C ASN B 300 -5.84 18.33 -2.46
N LYS B 301 -5.08 18.84 -1.50
CA LYS B 301 -4.68 18.18 -0.23
C LYS B 301 -5.91 17.73 0.57
N SER B 302 -6.96 18.57 0.64
CA SER B 302 -8.11 18.38 1.56
C SER B 302 -9.07 17.29 1.03
N VAL B 303 -9.03 16.95 -0.24
CA VAL B 303 -10.07 16.06 -0.86
C VAL B 303 -9.46 14.72 -1.19
N THR B 304 -8.14 14.62 -1.28
CA THR B 304 -7.45 13.31 -1.42
C THR B 304 -7.32 12.80 0.01
N CYS B 305 -7.26 11.48 0.20
CA CYS B 305 -7.46 10.87 1.54
C CYS B 305 -6.08 10.76 2.23
N GLU B 306 -5.37 11.88 2.40
CA GLU B 306 -3.98 11.94 2.94
C GLU B 306 -3.99 11.45 4.39
N GLU B 307 -5.00 11.81 5.18
CA GLU B 307 -5.18 11.32 6.57
C GLU B 307 -5.19 9.79 6.57
N LEU B 308 -5.93 9.17 5.64
CA LEU B 308 -6.10 7.70 5.58
C LEU B 308 -4.82 7.07 5.01
N LYS B 309 -4.24 7.68 3.98
CA LYS B 309 -2.98 7.25 3.33
C LYS B 309 -1.86 7.21 4.39
N ALA B 310 -1.84 8.17 5.31
CA ALA B 310 -0.74 8.41 6.30
C ALA B 310 -0.61 7.24 7.26
N VAL B 311 -1.68 6.48 7.53
CA VAL B 311 -1.67 5.34 8.50
C VAL B 311 -1.72 3.99 7.76
N GLY B 312 -1.67 3.99 6.42
CA GLY B 312 -1.51 2.77 5.61
C GLY B 312 -2.81 2.06 5.34
N ILE B 313 -3.95 2.75 5.43
CA ILE B 313 -5.29 2.13 5.19
C ILE B 313 -5.49 2.00 3.68
N LEU B 314 -4.87 2.89 2.90
CA LEU B 314 -4.83 2.84 1.41
C LEU B 314 -3.63 2.00 0.95
N ASN B 315 -3.82 1.10 -0.02
CA ASN B 315 -2.74 0.47 -0.79
C ASN B 315 -2.20 1.53 -1.77
N SER B 316 -0.99 2.02 -1.56
CA SER B 316 -0.37 3.10 -2.38
C SER B 316 -0.19 2.64 -3.84
N GLY B 317 0.03 1.33 -4.05
CA GLY B 317 0.15 0.67 -5.36
C GLY B 317 -0.95 1.05 -6.35
N GLU B 318 -2.18 1.21 -5.86
CA GLU B 318 -3.42 1.27 -6.70
C GLU B 318 -3.75 2.73 -7.07
N GLN B 319 -4.84 2.94 -7.83
CA GLN B 319 -4.98 4.05 -8.82
C GLN B 319 -5.27 5.43 -8.21
N GLY B 320 -5.69 5.54 -6.94
CA GLY B 320 -6.05 6.85 -6.33
C GLY B 320 -7.56 7.08 -6.22
N PHE B 321 -8.01 7.54 -5.06
CA PHE B 321 -9.43 7.88 -4.72
C PHE B 321 -10.00 8.93 -5.70
N VAL B 322 -9.21 9.98 -6.00
CA VAL B 322 -9.47 10.89 -7.15
C VAL B 322 -8.62 10.36 -8.33
N ARG B 323 -9.27 9.77 -9.33
CA ARG B 323 -8.64 8.91 -10.37
C ARG B 323 -8.58 9.69 -11.71
N ASN B 324 -9.57 9.50 -12.60
CA ASN B 324 -9.58 10.05 -13.99
C ASN B 324 -10.69 11.09 -14.13
N GLY B 325 -11.92 10.70 -13.78
CA GLY B 325 -13.15 11.55 -13.82
C GLY B 325 -13.63 11.78 -15.24
N GLN B 326 -13.63 10.74 -16.07
CA GLN B 326 -14.08 10.78 -17.47
C GLN B 326 -15.46 10.11 -17.55
N VAL B 327 -16.30 10.54 -18.50
CA VAL B 327 -17.56 9.85 -18.90
C VAL B 327 -17.24 8.86 -20.03
N ARG B 328 -17.30 7.54 -19.73
CA ARG B 328 -17.19 6.38 -20.67
C ARG B 328 -15.82 6.38 -21.35
N GLY B 329 -14.78 6.90 -20.68
CA GLY B 329 -13.37 6.86 -21.14
C GLY B 329 -12.84 5.43 -21.27
N ASN B 330 -11.69 5.30 -21.94
CA ASN B 330 -10.90 4.05 -22.14
C ASN B 330 -10.74 3.30 -20.81
N ALA B 331 -11.01 2.00 -20.83
CA ALA B 331 -10.81 1.05 -19.70
C ALA B 331 -10.41 -0.33 -20.26
N GLU B 332 -9.19 -0.77 -19.95
CA GLU B 332 -8.59 -2.06 -20.39
C GLU B 332 -9.35 -3.23 -19.76
N GLU B 333 -9.78 -3.07 -18.50
CA GLU B 333 -10.44 -4.10 -17.64
C GLU B 333 -11.71 -4.62 -18.34
N MET B 334 -12.43 -3.72 -19.02
CA MET B 334 -13.72 -4.03 -19.70
C MET B 334 -13.48 -4.97 -20.89
N THR B 335 -14.38 -5.94 -21.07
CA THR B 335 -14.40 -6.92 -22.17
C THR B 335 -15.73 -6.79 -22.92
N ASP B 336 -15.78 -7.29 -24.15
CA ASP B 336 -17.01 -7.32 -24.98
C ASP B 336 -18.09 -8.09 -24.21
N ASP B 337 -17.72 -9.22 -23.60
CA ASP B 337 -18.70 -10.10 -22.91
C ASP B 337 -19.25 -9.38 -21.67
N ILE B 338 -18.39 -8.72 -20.88
CA ILE B 338 -18.86 -7.88 -19.75
C ILE B 338 -19.70 -6.73 -20.28
N LYS B 339 -19.29 -6.05 -21.35
CA LYS B 339 -20.10 -4.92 -21.91
C LYS B 339 -21.50 -5.44 -22.31
N ARG B 340 -21.59 -6.63 -22.90
CA ARG B 340 -22.90 -7.16 -23.37
C ARG B 340 -23.77 -7.50 -22.16
N ARG B 341 -23.19 -8.10 -21.12
CA ARG B 341 -23.93 -8.46 -19.88
C ARG B 341 -24.42 -7.17 -19.19
N LEU B 342 -23.58 -6.13 -19.16
CA LEU B 342 -23.89 -4.80 -18.57
C LEU B 342 -25.08 -4.20 -19.32
N ASN B 343 -25.09 -4.30 -20.65
CA ASN B 343 -26.20 -3.76 -21.49
C ASN B 343 -27.49 -4.53 -21.19
N GLU B 344 -27.42 -5.86 -21.04
CA GLU B 344 -28.60 -6.73 -20.79
C GLU B 344 -29.13 -6.48 -19.39
N TRP B 345 -28.24 -6.56 -18.41
CA TRP B 345 -28.53 -6.20 -17.00
C TRP B 345 -29.19 -4.81 -16.92
N THR B 346 -28.75 -3.86 -17.75
CA THR B 346 -29.36 -2.49 -17.83
C THR B 346 -30.81 -2.60 -18.31
N GLU B 347 -31.07 -3.35 -19.41
CA GLU B 347 -32.42 -3.50 -20.04
C GLU B 347 -33.40 -4.28 -19.15
N ARG B 348 -33.00 -5.35 -18.45
CA ARG B 348 -33.93 -6.07 -17.52
C ARG B 348 -34.41 -5.09 -16.42
N ASN B 349 -33.51 -4.24 -15.93
CA ASN B 349 -33.80 -3.37 -14.75
C ASN B 349 -34.49 -2.06 -15.15
N LEU B 350 -34.17 -1.42 -16.29
CA LEU B 350 -34.72 -0.06 -16.63
C LEU B 350 -35.95 -0.15 -17.56
N ASN B 351 -36.31 -1.33 -18.05
CA ASN B 351 -37.55 -1.58 -18.84
C ASN B 351 -38.77 -1.04 -18.07
N GLY B 352 -39.57 -0.19 -18.72
CA GLY B 352 -40.85 0.31 -18.17
C GLY B 352 -40.60 1.35 -17.08
N THR B 353 -39.45 2.02 -17.15
CA THR B 353 -39.10 3.26 -16.41
C THR B 353 -38.64 4.28 -17.45
N ASP B 354 -38.54 5.54 -17.05
CA ASP B 354 -38.00 6.66 -17.88
C ASP B 354 -36.60 7.03 -17.38
N ILE B 355 -35.78 6.08 -16.93
CA ILE B 355 -34.38 6.38 -16.52
C ILE B 355 -33.47 6.16 -17.74
N ARG B 356 -32.68 7.19 -18.05
CA ARG B 356 -31.78 7.27 -19.23
C ARG B 356 -30.52 8.00 -18.77
N PHE B 357 -29.39 7.33 -18.88
CA PHE B 357 -28.04 7.88 -18.57
C PHE B 357 -27.60 8.77 -19.73
N PRO B 358 -27.05 9.98 -19.47
CA PRO B 358 -26.50 10.84 -20.53
C PRO B 358 -25.05 10.50 -20.90
CAI V55 C . 14.92 -3.11 -1.69
CAG V55 C . 15.02 -2.85 -0.32
CAK V55 C . 15.84 -3.60 0.49
CAJ V55 C . 16.61 -4.63 -0.09
CAF V55 C . 16.53 -4.86 -1.45
OAB V55 C . 13.92 -2.34 -3.71
CAE V55 C . 15.68 -4.11 -2.24
CAD V55 C . 14.04 -2.28 -2.52
CAA V55 C . 15.23 -2.41 2.51
OAH V55 C . 15.97 -3.45 1.85
OAC V55 C . 17.46 -5.38 0.68
P1 A3P D . 11.25 -14.29 6.30
O1P A3P D . 11.64 -15.75 6.09
O2P A3P D . 10.54 -13.44 5.25
O3P A3P D . 10.51 -14.15 7.62
P2 A3P D . 16.83 -9.47 5.25
O4P A3P D . 18.15 -10.01 4.64
O5P A3P D . 16.98 -8.56 6.54
O6P A3P D . 15.86 -8.93 4.21
O5' A3P D . 16.26 -10.87 5.73
C5' A3P D . 14.90 -10.90 5.80
C4' A3P D . 14.56 -12.19 6.45
O4' A3P D . 15.15 -12.04 7.72
C3' A3P D . 13.05 -12.28 6.54
O3' A3P D . 12.74 -13.67 6.38
C2' A3P D . 12.88 -11.67 7.90
O2' A3P D . 11.67 -12.02 8.51
C1' A3P D . 14.08 -12.25 8.65
N9 A3P D . 14.25 -11.65 10.01
C8 A3P D . 14.10 -10.34 10.34
N7 A3P D . 14.27 -10.13 11.67
C5 A3P D . 14.51 -11.34 12.23
C6 A3P D . 14.77 -11.84 13.62
N6 A3P D . 14.80 -10.93 14.64
N1 A3P D . 14.98 -13.21 13.79
C2 A3P D . 14.94 -14.05 12.73
N3 A3P D . 14.71 -13.63 11.45
C4 A3P D . 14.50 -12.34 11.14
P1 A3P E . -13.29 7.48 -11.78
O1P A3P E . -14.22 7.09 -12.91
O2P A3P E . -12.63 6.44 -10.93
O3P A3P E . -12.24 8.46 -12.21
P2 A3P E . -16.94 9.00 -5.40
O4P A3P E . -18.49 8.83 -5.41
O5P A3P E . -16.30 10.35 -5.01
O6P A3P E . -16.22 7.79 -4.83
O5' A3P E . -16.70 9.03 -6.97
C5' A3P E . -15.41 8.70 -7.40
C4' A3P E . -15.39 9.01 -8.85
O4' A3P E . -15.50 10.40 -8.95
C3' A3P E . -14.05 8.59 -9.43
O3' A3P E . -14.31 8.24 -10.79
C2' A3P E . -13.29 9.86 -9.20
O2' A3P E . -12.15 9.96 -9.99
C1' A3P E . -14.34 10.87 -9.64
N9 A3P E . -13.94 12.31 -9.40
C8 A3P E . -13.19 12.79 -8.35
N7 A3P E . -12.97 14.11 -8.44
C5 A3P E . -13.55 14.51 -9.59
C6 A3P E . -13.67 15.78 -10.32
N6 A3P E . -13.13 16.90 -9.78
N1 A3P E . -14.37 15.77 -11.53
C2 A3P E . -14.92 14.67 -12.05
N3 A3P E . -14.84 13.48 -11.41
C4 A3P E . -14.19 13.33 -10.22
CAI V55 F . -15.18 2.98 1.62
CAG V55 F . -14.75 4.31 1.60
CAK V55 F . -15.39 5.25 0.83
CAJ V55 F . -16.51 4.86 0.08
CAF V55 F . -16.94 3.55 0.11
OAB V55 F . -13.69 1.21 2.16
CAE V55 F . -16.29 2.61 0.89
CAD V55 F . -14.52 2.00 2.50
CAA V55 F . -13.78 6.97 1.22
OAH V55 F . -15.04 6.57 0.73
OAC V55 F . -17.17 5.76 -0.68
C1 GOL G . -41.91 9.82 -11.58
O1 GOL G . -41.62 9.29 -10.29
C2 GOL G . -41.56 8.85 -12.69
O2 GOL G . -40.96 9.59 -13.76
C3 GOL G . -40.66 7.72 -12.21
O3 GOL G . -40.46 6.69 -13.20
C1 GOL H . -18.33 -15.05 -8.66
O1 GOL H . -17.56 -13.84 -8.53
C2 GOL H . -19.53 -15.04 -7.73
O2 GOL H . -20.69 -15.34 -8.52
C3 GOL H . -19.48 -16.01 -6.56
O3 GOL H . -18.13 -16.42 -6.25
C1 GOL I . -32.70 -4.97 -8.48
O1 GOL I . -33.21 -5.83 -7.46
C2 GOL I . -31.27 -5.31 -8.88
O2 GOL I . -31.22 -5.57 -10.27
C3 GOL I . -30.25 -4.24 -8.46
O3 GOL I . -29.06 -4.16 -9.25
#